data_9GWJ
#
_entry.id   9GWJ
#
_cell.length_a   82.874
_cell.length_b   115.166
_cell.length_c   148.985
_cell.angle_alpha   90.000
_cell.angle_beta   90.000
_cell.angle_gamma   90.000
#
_symmetry.space_group_name_H-M   'P 21 21 21'
#
loop_
_entity.id
_entity.type
_entity.pdbx_description
1 polymer 'AFG2-interacting ribosome maturation factor'
2 polymer 'Cyclin-dependent kinase 2-interacting protein'
#
loop_
_entity_poly.entity_id
_entity_poly.type
_entity_poly.pdbx_seq_one_letter_code
_entity_poly.pdbx_strand_id
1 'polypeptide(L)'
;TQDRPLLAVQEALKKCFPVVEEQQGLWQSALRDCQPLLSSLSNLAEQLQAAQNLRFEDVPALRAFPDLKERLRRKQLVAG
DIVLDKLGERLAILLKVRD(MSE)VSSHVERVFQIYEQHADTVGIDAVLQPSAVSPSVAD(MSE)LEWLQDIERHYRKSY
LKRKYLLSSIQWGDLANIQALPKAWDRISKDEHQDLVQDILLNVSFFLEE
;
A,C
2 'polypeptide(L)'
;(MSE)VSARKIKDNAADWHNLILKWETLNDAGFTTANNIANLKISLLNKDKIELDSSSPASKENEEKVCLEYNEELEKLC
EELQATLDGLTKIQVK(MSE)EKLSSTTKGICELENYHYGEESKRPPLFHTWPTTHFYEVSHKLLE(MSE)YRKELLLKR
TVAKELAHTGDPDLTLSYLS(MSE)WLHQPYVESDSRLHLES(MSE)LLETGHRAL
;
B,D
#
# COMPACT_ATOMS: atom_id res chain seq x y z
N THR A 1 -15.06 19.63 20.54
CA THR A 1 -14.44 18.38 20.97
C THR A 1 -13.21 18.07 20.12
N GLN A 2 -13.24 18.47 18.85
CA GLN A 2 -12.13 18.24 17.95
C GLN A 2 -12.10 19.37 16.92
N ASP A 3 -11.00 19.43 16.16
CA ASP A 3 -10.86 20.38 15.07
C ASP A 3 -11.89 20.07 13.98
N ARG A 4 -12.82 21.00 13.77
CA ARG A 4 -13.84 20.77 12.73
C ARG A 4 -13.30 20.92 11.32
N PRO A 5 -12.63 22.02 10.94
CA PRO A 5 -12.24 22.16 9.53
C PRO A 5 -11.24 21.13 9.03
N LEU A 6 -10.60 20.36 9.92
CA LEU A 6 -9.71 19.31 9.47
C LEU A 6 -10.43 17.99 9.20
N LEU A 7 -11.58 17.77 9.85
CA LEU A 7 -12.34 16.55 9.60
C LEU A 7 -12.88 16.50 8.17
N ALA A 8 -13.24 17.65 7.61
CA ALA A 8 -13.72 17.68 6.23
C ALA A 8 -12.64 17.30 5.24
N VAL A 9 -11.38 17.61 5.55
CA VAL A 9 -10.28 17.24 4.67
C VAL A 9 -9.85 15.80 4.92
N GLN A 10 -9.85 15.37 6.18
CA GLN A 10 -9.48 13.99 6.51
C GLN A 10 -10.50 13.01 5.92
N GLU A 11 -11.78 13.36 5.94
CA GLU A 11 -12.78 12.51 5.31
C GLU A 11 -12.67 12.53 3.80
N ALA A 12 -12.24 13.66 3.22
CA ALA A 12 -12.04 13.72 1.78
C ALA A 12 -10.90 12.81 1.35
N LEU A 13 -9.85 12.71 2.16
CA LEU A 13 -8.74 11.82 1.84
C LEU A 13 -9.09 10.37 2.12
N LYS A 14 -9.85 10.12 3.18
CA LYS A 14 -10.31 8.76 3.48
C LYS A 14 -11.24 8.22 2.41
N LYS A 15 -11.86 9.08 1.62
CA LYS A 15 -12.71 8.67 0.51
C LYS A 15 -12.01 8.73 -0.83
N CYS A 16 -10.83 9.37 -0.91
CA CYS A 16 -10.14 9.54 -2.19
C CYS A 16 -9.17 8.40 -2.48
N PHE A 17 -8.42 7.95 -1.48
CA PHE A 17 -7.44 6.89 -1.67
C PHE A 17 -8.09 5.54 -1.99
N PRO A 18 -9.22 5.17 -1.36
CA PRO A 18 -9.93 3.97 -1.83
C PRO A 18 -10.39 4.07 -3.26
N VAL A 19 -10.65 5.27 -3.76
CA VAL A 19 -10.99 5.44 -5.17
C VAL A 19 -9.77 5.20 -6.05
N VAL A 20 -8.61 5.72 -5.62
CA VAL A 20 -7.37 5.48 -6.35
C VAL A 20 -7.04 4.00 -6.40
N GLU A 21 -7.40 3.25 -5.35
CA GLU A 21 -7.14 1.81 -5.35
C GLU A 21 -8.05 1.10 -6.36
N GLU A 22 -9.30 1.54 -6.47
CA GLU A 22 -10.19 0.95 -7.47
C GLU A 22 -9.74 1.31 -8.88
N GLN A 23 -9.35 2.56 -9.10
CA GLN A 23 -8.93 2.97 -10.44
C GLN A 23 -7.63 2.28 -10.85
N GLN A 24 -6.74 2.01 -9.89
CA GLN A 24 -5.53 1.27 -10.21
C GLN A 24 -5.84 -0.18 -10.57
N GLY A 25 -6.92 -0.73 -10.02
CA GLY A 25 -7.29 -2.09 -10.38
C GLY A 25 -7.77 -2.20 -11.81
N LEU A 26 -8.53 -1.20 -12.28
CA LEU A 26 -8.94 -1.17 -13.67
C LEU A 26 -7.80 -0.74 -14.58
N TRP A 27 -6.96 0.19 -14.11
CA TRP A 27 -5.81 0.64 -14.88
C TRP A 27 -4.85 -0.52 -15.15
N GLN A 28 -4.62 -1.38 -14.16
CA GLN A 28 -3.71 -2.50 -14.34
C GLN A 28 -4.37 -3.64 -15.11
N SER A 29 -5.68 -3.85 -14.92
CA SER A 29 -6.37 -4.88 -15.67
C SER A 29 -6.51 -4.52 -17.14
N ALA A 30 -6.40 -3.24 -17.49
CA ALA A 30 -6.44 -2.82 -18.89
C ALA A 30 -5.08 -2.89 -19.57
N LEU A 31 -4.01 -2.56 -18.84
CA LEU A 31 -2.67 -2.70 -19.41
C LEU A 31 -2.32 -4.17 -19.62
N ARG A 32 -2.85 -5.06 -18.79
CA ARG A 32 -2.65 -6.49 -19.01
C ARG A 32 -3.40 -6.98 -20.24
N ASP A 33 -4.57 -6.41 -20.52
CA ASP A 33 -5.31 -6.78 -21.73
C ASP A 33 -4.61 -6.29 -23.00
N CYS A 34 -3.70 -5.32 -22.88
CA CYS A 34 -2.99 -4.80 -24.04
C CYS A 34 -1.71 -5.59 -24.34
N GLN A 35 -1.26 -6.42 -23.40
CA GLN A 35 -0.05 -7.20 -23.65
C GLN A 35 -0.22 -8.22 -24.78
N PRO A 36 -1.27 -9.08 -24.77
CA PRO A 36 -1.40 -10.04 -25.88
C PRO A 36 -1.97 -9.43 -27.15
N LEU A 37 -2.73 -8.34 -27.01
CA LEU A 37 -3.30 -7.68 -28.18
C LEU A 37 -2.20 -7.05 -29.04
N LEU A 38 -1.23 -6.39 -28.42
CA LEU A 38 -0.12 -5.83 -29.18
C LEU A 38 0.82 -6.92 -29.70
N SER A 39 0.90 -8.05 -28.99
CA SER A 39 1.68 -9.18 -29.50
C SER A 39 1.06 -9.76 -30.76
N SER A 40 -0.27 -9.83 -30.83
CA SER A 40 -0.93 -10.30 -32.04
C SER A 40 -0.86 -9.25 -33.15
N LEU A 41 -0.75 -7.97 -32.78
CA LEU A 41 -0.53 -6.94 -33.78
C LEU A 41 0.84 -7.09 -34.44
N SER A 42 1.88 -7.35 -33.64
CA SER A 42 3.19 -7.62 -34.20
C SER A 42 3.17 -8.88 -35.06
N ASN A 43 2.34 -9.85 -34.71
CA ASN A 43 2.24 -11.07 -35.52
C ASN A 43 1.61 -10.76 -36.88
N LEU A 44 0.50 -10.03 -36.88
CA LEU A 44 -0.13 -9.64 -38.14
C LEU A 44 0.76 -8.70 -38.94
N ALA A 45 1.58 -7.90 -38.27
CA ALA A 45 2.55 -7.06 -38.96
C ALA A 45 3.57 -7.91 -39.70
N GLU A 46 4.05 -8.98 -39.07
CA GLU A 46 4.99 -9.87 -39.73
C GLU A 46 4.35 -10.59 -40.91
N GLN A 47 3.09 -10.99 -40.77
CA GLN A 47 2.40 -11.66 -41.87
C GLN A 47 2.19 -10.70 -43.04
N LEU A 48 1.71 -9.49 -42.76
CA LEU A 48 1.52 -8.51 -43.82
C LEU A 48 2.84 -8.12 -44.46
N GLN A 49 3.91 -8.03 -43.65
CA GLN A 49 5.22 -7.67 -44.19
C GLN A 49 5.77 -8.77 -45.08
N ALA A 50 5.75 -10.02 -44.61
CA ALA A 50 6.24 -11.13 -45.42
C ALA A 50 5.41 -11.30 -46.69
N ALA A 51 4.10 -11.08 -46.59
CA ALA A 51 3.25 -11.17 -47.77
C ALA A 51 3.53 -10.03 -48.73
N GLN A 52 3.82 -8.84 -48.21
CA GLN A 52 4.13 -7.70 -49.07
C GLN A 52 5.51 -7.85 -49.70
N ASN A 53 6.48 -8.44 -48.99
CA ASN A 53 7.77 -8.70 -49.61
C ASN A 53 7.65 -9.68 -50.76
N LEU A 54 6.77 -10.68 -50.62
CA LEU A 54 6.55 -11.68 -51.65
C LEU A 54 5.23 -11.46 -52.38
N ARG A 55 4.81 -10.20 -52.54
CA ARG A 55 3.66 -9.91 -53.38
C ARG A 55 4.06 -9.59 -54.80
N PHE A 56 5.30 -9.17 -55.03
CA PHE A 56 5.79 -8.92 -56.38
C PHE A 56 6.56 -10.11 -56.94
N GLU A 57 7.03 -11.01 -56.08
CA GLU A 57 7.68 -12.22 -56.53
C GLU A 57 6.66 -13.15 -57.17
N ASP A 58 7.14 -14.11 -57.96
CA ASP A 58 6.26 -15.06 -58.63
C ASP A 58 6.74 -16.49 -58.40
N VAL A 59 6.22 -17.12 -57.35
CA VAL A 59 6.51 -18.53 -57.12
C VAL A 59 5.62 -19.36 -58.04
N PRO A 60 6.17 -20.30 -58.80
CA PRO A 60 5.36 -21.02 -59.80
C PRO A 60 4.20 -21.82 -59.24
N ALA A 61 4.32 -22.37 -58.03
CA ALA A 61 3.23 -23.19 -57.51
C ALA A 61 2.00 -22.36 -57.13
N LEU A 62 2.20 -21.14 -56.64
CA LEU A 62 1.07 -20.29 -56.29
C LEU A 62 0.49 -19.54 -57.48
N ARG A 63 1.09 -19.66 -58.66
CA ARG A 63 0.57 -18.97 -59.85
C ARG A 63 -0.76 -19.56 -60.32
N ALA A 64 -1.11 -20.77 -59.88
CA ALA A 64 -2.37 -21.38 -60.31
C ALA A 64 -3.58 -20.54 -59.91
N PHE A 65 -3.50 -19.86 -58.77
CA PHE A 65 -4.58 -18.98 -58.31
C PHE A 65 -4.00 -17.60 -58.03
N PRO A 66 -4.01 -16.71 -59.03
CA PRO A 66 -3.43 -15.37 -58.83
C PRO A 66 -4.29 -14.42 -58.03
N ASP A 67 -5.52 -14.79 -57.68
CA ASP A 67 -6.36 -13.99 -56.81
C ASP A 67 -6.17 -14.33 -55.33
N LEU A 68 -5.06 -14.99 -55.00
CA LEU A 68 -4.81 -15.41 -53.62
C LEU A 68 -4.29 -14.27 -52.75
N LYS A 69 -3.39 -13.45 -53.29
CA LYS A 69 -2.82 -12.35 -52.50
C LYS A 69 -3.89 -11.37 -52.03
N GLU A 70 -4.92 -11.14 -52.85
CA GLU A 70 -5.96 -10.19 -52.45
C GLU A 70 -6.81 -10.74 -51.31
N ARG A 71 -7.19 -12.02 -51.39
CA ARG A 71 -8.01 -12.60 -50.34
C ARG A 71 -7.23 -12.75 -49.03
N LEU A 72 -5.99 -13.24 -49.12
CA LEU A 72 -5.18 -13.41 -47.92
C LEU A 72 -5.00 -12.09 -47.17
N ARG A 73 -4.72 -11.00 -47.91
CA ARG A 73 -4.50 -9.71 -47.26
C ARG A 73 -5.76 -9.18 -46.60
N ARG A 74 -6.90 -9.27 -47.28
CA ARG A 74 -8.16 -8.81 -46.69
C ARG A 74 -8.46 -9.54 -45.38
N LYS A 75 -8.23 -10.85 -45.35
CA LYS A 75 -8.47 -11.61 -44.13
C LYS A 75 -7.50 -11.20 -43.03
N GLN A 76 -6.26 -10.87 -43.39
CA GLN A 76 -5.30 -10.38 -42.40
C GLN A 76 -5.72 -9.03 -41.83
N LEU A 77 -6.18 -8.12 -42.70
CA LEU A 77 -6.56 -6.78 -42.25
C LEU A 77 -7.83 -6.81 -41.41
N VAL A 78 -8.73 -7.75 -41.67
CA VAL A 78 -9.94 -7.87 -40.85
C VAL A 78 -9.57 -8.24 -39.42
N ALA A 79 -8.69 -9.22 -39.26
CA ALA A 79 -8.21 -9.57 -37.92
C ALA A 79 -7.40 -8.45 -37.29
N GLY A 80 -6.85 -7.54 -38.10
CA GLY A 80 -6.12 -6.41 -37.54
C GLY A 80 -7.05 -5.37 -36.94
N ASP A 81 -8.12 -5.03 -37.66
CA ASP A 81 -9.09 -4.07 -37.13
C ASP A 81 -9.85 -4.62 -35.93
N ILE A 82 -9.97 -5.94 -35.82
CA ILE A 82 -10.59 -6.53 -34.63
C ILE A 82 -9.72 -6.28 -33.40
N VAL A 83 -8.40 -6.44 -33.54
CA VAL A 83 -7.49 -6.15 -32.43
C VAL A 83 -7.48 -4.66 -32.13
N LEU A 84 -7.59 -3.82 -33.15
CA LEU A 84 -7.59 -2.38 -32.93
C LEU A 84 -8.85 -1.93 -32.20
N ASP A 85 -10.01 -2.51 -32.54
CA ASP A 85 -11.25 -2.13 -31.88
C ASP A 85 -11.24 -2.56 -30.42
N LYS A 86 -10.64 -3.72 -30.11
CA LYS A 86 -10.55 -4.15 -28.72
C LYS A 86 -9.52 -3.32 -27.95
N LEU A 87 -8.43 -2.92 -28.62
CA LEU A 87 -7.46 -2.03 -27.99
C LEU A 87 -8.06 -0.66 -27.71
N GLY A 88 -8.94 -0.17 -28.58
CA GLY A 88 -9.64 1.07 -28.29
C GLY A 88 -10.55 0.97 -27.08
N GLU A 89 -11.09 -0.22 -26.83
CA GLU A 89 -11.90 -0.43 -25.63
C GLU A 89 -11.03 -0.33 -24.38
N ARG A 90 -9.78 -0.79 -24.46
CA ARG A 90 -8.89 -0.69 -23.32
C ARG A 90 -8.42 0.74 -23.10
N LEU A 91 -8.23 1.50 -24.18
CA LEU A 91 -7.93 2.92 -24.03
C LEU A 91 -9.08 3.66 -23.37
N ALA A 92 -10.32 3.25 -23.64
CA ALA A 92 -11.46 3.84 -22.94
C ALA A 92 -11.42 3.55 -21.46
N ILE A 93 -10.90 2.38 -21.07
CA ILE A 93 -10.74 2.07 -19.65
C ILE A 93 -9.68 2.95 -19.02
N LEU A 94 -8.55 3.13 -19.70
CA LEU A 94 -7.49 4.00 -19.19
C LEU A 94 -7.93 5.45 -19.15
N LEU A 95 -8.78 5.86 -20.11
CA LEU A 95 -9.32 7.21 -20.09
C LEU A 95 -10.26 7.41 -18.91
N LYS A 96 -11.09 6.40 -18.61
CA LYS A 96 -11.99 6.49 -17.47
C LYS A 96 -11.21 6.55 -16.16
N VAL A 97 -10.15 5.74 -16.05
CA VAL A 97 -9.32 5.77 -14.84
C VAL A 97 -8.68 7.13 -14.67
N ARG A 98 -8.23 7.75 -15.77
CA ARG A 98 -7.59 9.05 -15.68
C ARG A 98 -8.61 10.12 -15.30
N ASP A 99 -9.81 10.09 -15.88
CA ASP A 99 -10.80 11.12 -15.61
C ASP A 99 -11.35 11.03 -14.19
N VAL A 101 -9.67 9.97 -11.39
CA VAL A 101 -8.69 10.44 -10.43
C VAL A 101 -8.43 11.93 -10.62
N SER A 102 -8.39 12.41 -11.87
CA SER A 102 -8.15 13.82 -12.11
C SER A 102 -9.31 14.71 -11.68
N SER A 103 -10.50 14.14 -11.49
CA SER A 103 -11.66 14.91 -11.05
C SER A 103 -11.94 14.77 -9.56
N HIS A 104 -11.80 13.58 -9.00
CA HIS A 104 -12.03 13.40 -7.57
C HIS A 104 -10.96 14.10 -6.74
N VAL A 105 -9.70 14.05 -7.19
CA VAL A 105 -8.63 14.74 -6.47
C VAL A 105 -8.87 16.24 -6.51
N GLU A 106 -9.38 16.76 -7.63
CA GLU A 106 -9.72 18.17 -7.70
C GLU A 106 -10.85 18.52 -6.74
N ARG A 107 -11.79 17.58 -6.52
CA ARG A 107 -12.85 17.82 -5.55
C ARG A 107 -12.31 17.79 -4.13
N VAL A 108 -11.37 16.88 -3.85
CA VAL A 108 -10.72 16.87 -2.54
C VAL A 108 -9.91 18.13 -2.34
N PHE A 109 -9.34 18.68 -3.41
CA PHE A 109 -8.61 19.93 -3.32
C PHE A 109 -9.53 21.12 -3.16
N GLN A 110 -10.78 21.01 -3.61
CA GLN A 110 -11.75 22.05 -3.33
C GLN A 110 -12.09 22.08 -1.85
N ILE A 111 -12.23 20.92 -1.23
CA ILE A 111 -12.47 20.85 0.22
C ILE A 111 -11.29 21.43 0.97
N TYR A 112 -10.07 21.18 0.48
CA TYR A 112 -8.89 21.73 1.13
C TYR A 112 -8.84 23.24 0.99
N GLU A 113 -9.14 23.76 -0.21
CA GLU A 113 -9.11 25.20 -0.43
C GLU A 113 -10.23 25.93 0.32
N GLN A 114 -11.23 25.20 0.80
CA GLN A 114 -12.26 25.83 1.64
C GLN A 114 -11.72 26.15 3.03
N HIS A 115 -10.81 25.31 3.54
CA HIS A 115 -10.24 25.49 4.87
C HIS A 115 -8.74 25.74 4.81
N ALA A 116 -8.23 26.22 3.66
CA ALA A 116 -6.79 26.44 3.53
C ALA A 116 -6.32 27.56 4.45
N ASP A 117 -7.14 28.58 4.65
CA ASP A 117 -6.79 29.72 5.48
C ASP A 117 -7.21 29.56 6.94
N THR A 118 -7.98 28.51 7.26
CA THR A 118 -8.51 28.31 8.61
C THR A 118 -7.85 27.18 9.38
N VAL A 119 -7.33 26.16 8.69
CA VAL A 119 -6.70 25.04 9.39
C VAL A 119 -5.37 25.49 10.01
N GLY A 120 -4.63 26.32 9.30
CA GLY A 120 -3.34 26.77 9.79
C GLY A 120 -2.17 26.07 9.12
N ILE A 121 -1.11 26.83 8.84
CA ILE A 121 0.06 26.27 8.15
C ILE A 121 0.81 25.27 9.03
N ASP A 122 0.60 25.31 10.34
CA ASP A 122 1.30 24.40 11.24
C ASP A 122 0.60 23.04 11.35
N ALA A 123 -0.73 23.02 11.27
CA ALA A 123 -1.46 21.76 11.43
C ALA A 123 -1.27 20.85 10.23
N VAL A 124 -1.02 21.41 9.05
CA VAL A 124 -0.89 20.59 7.84
C VAL A 124 0.45 19.85 7.84
N LEU A 125 1.54 20.56 8.14
CA LEU A 125 2.86 19.97 8.07
C LEU A 125 3.12 18.95 9.17
N GLN A 126 2.32 18.96 10.24
CA GLN A 126 2.57 18.08 11.38
C GLN A 126 2.13 16.66 11.06
N PRO A 127 3.03 15.68 11.12
CA PRO A 127 2.64 14.28 10.89
C PRO A 127 2.26 13.58 12.18
N SER A 128 1.64 12.40 12.01
CA SER A 128 1.27 11.54 13.12
C SER A 128 2.25 10.37 13.21
N ALA A 129 1.97 9.45 14.15
CA ALA A 129 2.85 8.30 14.33
C ALA A 129 2.71 7.30 13.19
N VAL A 130 1.49 7.13 12.69
CA VAL A 130 1.23 6.19 11.60
C VAL A 130 0.64 6.86 10.37
N SER A 131 0.14 8.09 10.48
CA SER A 131 -0.41 8.80 9.35
C SER A 131 0.52 9.92 8.91
N PRO A 132 0.88 9.99 7.64
CA PRO A 132 1.76 11.07 7.17
C PRO A 132 1.09 12.42 7.30
N SER A 133 1.90 13.47 7.13
CA SER A 133 1.40 14.83 7.25
C SER A 133 0.40 15.14 6.14
N VAL A 134 -0.57 15.99 6.46
CA VAL A 134 -1.63 16.35 5.51
C VAL A 134 -1.06 16.98 4.25
N ALA A 135 0.12 17.60 4.34
CA ALA A 135 0.77 18.13 3.14
C ALA A 135 1.22 16.99 2.22
N ASP A 136 1.85 15.97 2.79
CA ASP A 136 2.26 14.82 1.98
C ASP A 136 1.06 14.06 1.44
N LEU A 138 -1.77 15.36 0.27
CA LEU A 138 -2.27 16.03 -0.92
C LEU A 138 -1.26 15.99 -2.05
N GLU A 139 0.02 16.20 -1.74
CA GLU A 139 1.05 16.21 -2.77
C GLU A 139 1.24 14.83 -3.40
N TRP A 140 0.98 13.76 -2.63
CA TRP A 140 1.03 12.43 -3.20
C TRP A 140 -0.15 12.17 -4.13
N LEU A 141 -1.31 12.76 -3.84
CA LEU A 141 -2.43 12.66 -4.76
C LEU A 141 -2.18 13.45 -6.03
N GLN A 142 -1.39 14.52 -5.95
CA GLN A 142 -0.99 15.25 -7.15
C GLN A 142 0.00 14.43 -7.98
N ASP A 143 0.87 13.68 -7.31
CA ASP A 143 1.81 12.83 -8.03
C ASP A 143 1.11 11.64 -8.68
N ILE A 144 0.05 11.13 -8.06
CA ILE A 144 -0.73 10.06 -8.67
C ILE A 144 -1.53 10.62 -9.85
N GLU A 145 -2.10 11.81 -9.68
CA GLU A 145 -2.81 12.46 -10.78
C GLU A 145 -1.87 12.75 -11.95
N ARG A 146 -0.61 13.06 -11.66
CA ARG A 146 0.37 13.22 -12.73
C ARG A 146 0.71 11.89 -13.37
N HIS A 147 0.89 10.84 -12.56
CA HIS A 147 1.30 9.54 -13.10
C HIS A 147 0.28 8.99 -14.08
N TYR A 148 -1.01 9.17 -13.78
CA TYR A 148 -2.04 8.64 -14.67
C TYR A 148 -2.18 9.48 -15.94
N ARG A 149 -2.06 10.80 -15.81
CA ARG A 149 -2.18 11.66 -16.98
C ARG A 149 -0.94 11.57 -17.87
N LYS A 150 0.25 11.46 -17.25
CA LYS A 150 1.48 11.36 -18.03
C LYS A 150 1.60 10.00 -18.69
N SER A 151 1.00 8.97 -18.11
CA SER A 151 1.01 7.66 -18.74
C SER A 151 -0.07 7.55 -19.81
N TYR A 152 -1.26 8.11 -19.54
CA TYR A 152 -2.32 8.08 -20.54
C TYR A 152 -1.90 8.78 -21.82
N LEU A 153 -1.04 9.79 -21.72
CA LEU A 153 -0.52 10.45 -22.92
C LEU A 153 0.32 9.49 -23.75
N LYS A 154 1.23 8.76 -23.10
CA LYS A 154 2.06 7.81 -23.83
C LYS A 154 1.23 6.63 -24.36
N ARG A 155 0.26 6.17 -23.59
CA ARG A 155 -0.60 5.07 -24.05
C ARG A 155 -1.43 5.48 -25.25
N LYS A 156 -1.92 6.72 -25.27
CA LYS A 156 -2.78 7.17 -26.36
C LYS A 156 -1.97 7.56 -27.59
N TYR A 157 -0.84 8.25 -27.40
CA TYR A 157 -0.01 8.64 -28.53
C TYR A 157 0.59 7.43 -29.23
N LEU A 158 1.08 6.46 -28.45
CA LEU A 158 1.66 5.26 -29.06
C LEU A 158 0.60 4.42 -29.76
N LEU A 159 -0.62 4.38 -29.23
CA LEU A 159 -1.68 3.62 -29.88
C LEU A 159 -2.36 4.40 -31.00
N SER A 160 -2.00 5.67 -31.21
CA SER A 160 -2.43 6.38 -32.40
C SER A 160 -1.34 6.48 -33.46
N SER A 161 -0.09 6.20 -33.10
CA SER A 161 0.98 6.17 -34.10
C SER A 161 0.90 4.94 -34.99
N ILE A 162 0.20 3.89 -34.56
CA ILE A 162 0.07 2.68 -35.36
C ILE A 162 -0.76 2.96 -36.61
N GLN A 163 -1.67 3.93 -36.55
CA GLN A 163 -2.49 4.26 -37.72
C GLN A 163 -1.69 4.94 -38.81
N TRP A 164 -0.58 5.58 -38.48
CA TRP A 164 0.22 6.31 -39.46
C TRP A 164 1.10 5.39 -40.31
N GLY A 165 0.56 4.25 -40.75
CA GLY A 165 1.34 3.33 -41.55
C GLY A 165 2.47 2.71 -40.76
N ASP A 166 3.67 2.73 -41.34
CA ASP A 166 4.87 2.17 -40.72
C ASP A 166 4.68 0.70 -40.39
N LEU A 167 5.02 -0.19 -41.34
CA LEU A 167 4.88 -1.62 -41.11
C LEU A 167 5.85 -2.12 -40.06
N ALA A 168 7.00 -1.45 -39.91
CA ALA A 168 7.99 -1.85 -38.92
C ALA A 168 7.62 -1.41 -37.51
N ASN A 169 6.95 -0.26 -37.37
CA ASN A 169 6.61 0.24 -36.05
C ASN A 169 5.59 -0.65 -35.35
N ILE A 170 4.55 -1.06 -36.09
CA ILE A 170 3.54 -1.95 -35.50
C ILE A 170 4.07 -3.34 -35.24
N GLN A 171 5.22 -3.69 -35.81
CA GLN A 171 5.89 -4.93 -35.47
C GLN A 171 6.69 -4.82 -34.18
N ALA A 172 7.11 -3.60 -33.82
CA ALA A 172 7.83 -3.34 -32.58
C ALA A 172 6.96 -2.68 -31.53
N LEU A 173 5.64 -2.85 -31.62
CA LEU A 173 4.74 -2.24 -30.65
C LEU A 173 4.95 -2.74 -29.22
N PRO A 174 5.01 -4.05 -28.93
CA PRO A 174 5.24 -4.48 -27.55
C PRO A 174 6.59 -4.05 -27.01
N LYS A 175 7.56 -3.76 -27.87
CA LYS A 175 8.88 -3.34 -27.40
C LYS A 175 8.84 -1.93 -26.83
N ALA A 176 8.12 -1.02 -27.50
CA ALA A 176 7.99 0.35 -27.01
C ALA A 176 6.85 0.53 -26.03
N TRP A 177 5.85 -0.36 -26.05
CA TRP A 177 4.76 -0.29 -25.09
C TRP A 177 5.24 -0.66 -23.70
N ASP A 178 5.99 -1.77 -23.59
CA ASP A 178 6.58 -2.14 -22.31
C ASP A 178 7.64 -1.15 -21.87
N ARG A 179 8.15 -0.34 -22.79
CA ARG A 179 9.07 0.73 -22.41
C ARG A 179 8.36 1.86 -21.71
N ILE A 180 7.10 2.12 -22.05
CA ILE A 180 6.35 3.20 -21.40
C ILE A 180 6.28 2.97 -19.90
N SER A 181 6.00 1.73 -19.49
CA SER A 181 5.94 1.40 -18.06
C SER A 181 7.31 1.52 -17.42
N LYS A 182 8.30 0.81 -17.98
CA LYS A 182 9.63 0.77 -17.37
C LYS A 182 10.29 2.14 -17.30
N ASP A 183 9.98 3.03 -18.24
CA ASP A 183 10.57 4.36 -18.21
C ASP A 183 9.91 5.25 -17.16
N GLU A 184 8.63 5.03 -16.87
CA GLU A 184 7.93 5.79 -15.84
C GLU A 184 8.16 5.14 -14.47
N HIS A 185 7.41 5.61 -13.47
CA HIS A 185 7.45 5.05 -12.12
C HIS A 185 6.25 4.11 -11.94
N GLN A 186 6.42 2.85 -12.34
CA GLN A 186 5.33 1.88 -12.22
C GLN A 186 4.99 1.62 -10.76
N ASP A 187 6.00 1.52 -9.90
CA ASP A 187 5.80 1.28 -8.47
C ASP A 187 5.81 2.60 -7.72
N LEU A 188 4.73 3.36 -7.91
CA LEU A 188 4.58 4.67 -7.30
C LEU A 188 3.23 4.74 -6.59
N VAL A 189 2.16 4.40 -7.31
CA VAL A 189 0.82 4.44 -6.72
C VAL A 189 0.68 3.38 -5.63
N GLN A 190 1.32 2.22 -5.81
CA GLN A 190 1.24 1.18 -4.81
C GLN A 190 1.99 1.52 -3.53
N ASP A 191 2.98 2.42 -3.61
CA ASP A 191 3.72 2.84 -2.43
C ASP A 191 3.03 3.96 -1.67
N ILE A 192 2.36 4.87 -2.40
CA ILE A 192 1.61 5.92 -1.73
C ILE A 192 0.41 5.35 -0.98
N LEU A 193 -0.29 4.40 -1.60
CA LEU A 193 -1.39 3.73 -0.91
C LEU A 193 -0.91 2.87 0.26
N LEU A 194 0.39 2.58 0.31
CA LEU A 194 0.92 1.78 1.42
C LEU A 194 1.23 2.65 2.64
N ASN A 195 1.82 3.83 2.42
CA ASN A 195 2.10 4.70 3.55
C ASN A 195 0.84 5.28 4.16
N VAL A 196 -0.22 5.44 3.36
CA VAL A 196 -1.50 5.92 3.87
C VAL A 196 -2.43 4.79 4.27
N SER A 197 -1.98 3.53 4.15
CA SER A 197 -2.82 2.40 4.54
C SER A 197 -3.13 2.40 6.02
N PHE A 198 -2.33 3.09 6.84
CA PHE A 198 -2.60 3.21 8.27
C PHE A 198 -3.59 4.32 8.58
N PHE A 199 -3.66 5.35 7.72
CA PHE A 199 -4.57 6.47 7.94
C PHE A 199 -6.02 6.12 7.64
N LEU A 200 -6.27 5.12 6.79
CA LEU A 200 -7.64 4.86 6.33
C LEU A 200 -8.50 4.25 7.43
N GLU A 201 -7.97 3.28 8.18
CA GLU A 201 -8.74 2.61 9.23
C GLU A 201 -8.70 3.36 10.56
N GLU A 202 -8.74 4.69 10.49
CA GLU A 202 -8.76 5.58 11.66
C GLU A 202 -7.43 5.51 12.40
N VAL B 2 4.46 4.02 24.53
CA VAL B 2 3.30 4.44 23.76
C VAL B 2 2.22 3.35 23.79
N SER B 3 2.65 2.08 23.74
CA SER B 3 1.70 0.98 23.89
C SER B 3 1.05 0.96 25.27
N ALA B 4 1.74 1.48 26.28
CA ALA B 4 1.17 1.49 27.63
C ALA B 4 0.08 2.55 27.76
N ARG B 5 0.27 3.73 27.16
CA ARG B 5 -0.75 4.76 27.26
C ARG B 5 -2.00 4.40 26.46
N LYS B 6 -1.82 3.76 25.30
CA LYS B 6 -2.99 3.41 24.49
C LYS B 6 -3.74 2.23 25.10
N ILE B 7 -3.04 1.33 25.79
CA ILE B 7 -3.72 0.25 26.50
C ILE B 7 -4.51 0.79 27.68
N LYS B 8 -3.90 1.73 28.43
CA LYS B 8 -4.63 2.38 29.52
C LYS B 8 -5.81 3.18 28.98
N ASP B 9 -5.65 3.80 27.81
CA ASP B 9 -6.73 4.55 27.20
C ASP B 9 -7.87 3.61 26.78
N ASN B 10 -7.52 2.47 26.19
CA ASN B 10 -8.54 1.48 25.84
C ASN B 10 -9.24 0.96 27.08
N ALA B 11 -8.50 0.73 28.16
CA ALA B 11 -9.11 0.25 29.39
C ALA B 11 -10.16 1.22 29.91
N ALA B 12 -9.92 2.53 29.74
CA ALA B 12 -10.91 3.52 30.15
C ALA B 12 -12.11 3.53 29.20
N ASP B 13 -11.84 3.53 27.89
CA ASP B 13 -12.93 3.56 26.92
C ASP B 13 -13.79 2.30 26.97
N TRP B 14 -13.17 1.16 27.30
CA TRP B 14 -13.94 -0.07 27.46
C TRP B 14 -14.92 0.05 28.62
N HIS B 15 -14.51 0.71 29.70
CA HIS B 15 -15.39 0.90 30.85
C HIS B 15 -16.49 1.92 30.53
N ASN B 16 -16.15 3.00 29.85
CA ASN B 16 -17.13 4.04 29.55
C ASN B 16 -18.24 3.53 28.64
N LEU B 17 -17.88 2.72 27.64
CA LEU B 17 -18.88 2.22 26.71
C LEU B 17 -19.84 1.24 27.37
N ILE B 18 -19.35 0.47 28.35
CA ILE B 18 -20.22 -0.45 29.09
C ILE B 18 -21.28 0.34 29.86
N LEU B 19 -20.88 1.45 30.48
CA LEU B 19 -21.84 2.26 31.22
C LEU B 19 -22.91 2.84 30.31
N LYS B 20 -22.52 3.24 29.08
CA LYS B 20 -23.50 3.71 28.12
C LYS B 20 -24.46 2.61 27.69
N TRP B 21 -23.99 1.36 27.67
CA TRP B 21 -24.84 0.24 27.27
C TRP B 21 -25.91 -0.01 28.33
N GLU B 22 -25.52 -0.05 29.60
CA GLU B 22 -26.48 -0.33 30.67
C GLU B 22 -27.49 0.80 30.84
N THR B 23 -27.09 2.04 30.53
CA THR B 23 -28.01 3.16 30.66
C THR B 23 -29.04 3.13 29.53
N LEU B 24 -28.59 2.94 28.29
CA LEU B 24 -29.51 2.81 27.17
C LEU B 24 -30.40 1.58 27.32
N ASN B 25 -29.89 0.53 27.97
CA ASN B 25 -30.71 -0.66 28.19
C ASN B 25 -31.87 -0.37 29.15
N ASP B 26 -31.68 0.57 30.08
CA ASP B 26 -32.77 0.94 30.97
C ASP B 26 -33.86 1.71 30.22
N ALA B 27 -33.45 2.70 29.41
CA ALA B 27 -34.42 3.44 28.60
C ALA B 27 -35.08 2.52 27.57
N GLY B 28 -34.34 1.56 27.04
CA GLY B 28 -34.93 0.60 26.12
C GLY B 28 -35.91 -0.34 26.80
N PHE B 29 -35.59 -0.74 28.04
CA PHE B 29 -36.51 -1.59 28.79
C PHE B 29 -37.78 -0.83 29.17
N THR B 30 -37.68 0.48 29.40
CA THR B 30 -38.87 1.28 29.66
C THR B 30 -39.75 1.35 28.43
N THR B 31 -39.16 1.60 27.26
CA THR B 31 -39.93 1.63 26.03
C THR B 31 -40.56 0.27 25.72
N ALA B 32 -39.79 -0.80 25.90
CA ALA B 32 -40.31 -2.14 25.62
C ALA B 32 -41.40 -2.52 26.61
N ASN B 33 -41.22 -2.16 27.89
CA ASN B 33 -42.25 -2.45 28.89
C ASN B 33 -43.54 -1.69 28.60
N ASN B 34 -43.42 -0.46 28.10
CA ASN B 34 -44.60 0.29 27.71
C ASN B 34 -45.32 -0.37 26.55
N ILE B 35 -44.57 -1.01 25.64
CA ILE B 35 -45.19 -1.76 24.56
C ILE B 35 -45.96 -2.96 25.12
N ALA B 36 -45.36 -3.67 26.07
CA ALA B 36 -46.03 -4.83 26.67
C ALA B 36 -47.31 -4.41 27.39
N ASN B 37 -47.25 -3.33 28.17
CA ASN B 37 -48.45 -2.83 28.83
C ASN B 37 -49.46 -2.29 27.82
N LEU B 38 -48.99 -1.85 26.65
CA LEU B 38 -49.90 -1.39 25.60
C LEU B 38 -50.63 -2.57 24.96
N LYS B 39 -49.94 -3.70 24.80
CA LYS B 39 -50.60 -4.90 24.28
C LYS B 39 -51.64 -5.42 25.27
N ILE B 40 -51.34 -5.36 26.56
CA ILE B 40 -52.27 -5.86 27.57
C ILE B 40 -53.45 -4.91 27.73
N SER B 41 -53.19 -3.60 27.67
CA SER B 41 -54.27 -2.64 27.81
C SER B 41 -55.27 -2.73 26.66
N LEU B 42 -54.80 -3.09 25.46
CA LEU B 42 -55.73 -3.29 24.35
C LEU B 42 -56.55 -4.55 24.55
N LEU B 43 -55.93 -5.62 25.06
CA LEU B 43 -56.68 -6.84 25.33
C LEU B 43 -57.71 -6.62 26.42
N ASN B 44 -57.35 -5.87 27.48
CA ASN B 44 -58.31 -5.58 28.54
C ASN B 44 -59.48 -4.77 28.02
N LYS B 45 -59.22 -3.81 27.12
CA LYS B 45 -60.32 -3.05 26.53
C LYS B 45 -61.14 -3.91 25.58
N ASP B 46 -60.51 -4.88 24.92
CA ASP B 46 -61.25 -5.79 24.06
C ASP B 46 -62.23 -6.64 24.87
N LYS B 47 -61.86 -6.99 26.10
CA LYS B 47 -62.80 -7.69 26.98
C LYS B 47 -63.94 -6.78 27.41
N ILE B 48 -63.66 -5.48 27.58
CA ILE B 48 -64.72 -4.53 27.90
C ILE B 48 -65.64 -4.33 26.71
N GLU B 49 -65.10 -4.41 25.48
CA GLU B 49 -65.94 -4.29 24.30
C GLU B 49 -66.88 -5.48 24.15
N LEU B 50 -66.46 -6.66 24.59
CA LEU B 50 -67.35 -7.82 24.55
C LEU B 50 -68.41 -7.75 25.64
N ASP B 51 -68.15 -7.02 26.72
CA ASP B 51 -69.13 -6.81 27.78
C ASP B 51 -70.09 -5.67 27.49
N SER B 52 -69.98 -5.03 26.33
CA SER B 52 -70.86 -3.94 25.95
C SER B 52 -72.15 -4.48 25.31
N SER B 53 -73.11 -3.57 25.14
CA SER B 53 -74.40 -3.94 24.59
C SER B 53 -74.27 -4.34 23.12
N SER B 54 -75.22 -5.17 22.67
CA SER B 54 -75.28 -5.55 21.26
C SER B 54 -75.64 -4.38 20.34
N PRO B 55 -76.58 -3.43 20.71
CA PRO B 55 -76.85 -2.26 19.87
C PRO B 55 -75.78 -1.18 19.93
N ALA B 56 -74.52 -1.58 19.71
CA ALA B 56 -73.41 -0.64 19.66
C ALA B 56 -72.43 -1.05 18.58
N SER B 57 -72.14 -0.13 17.67
CA SER B 57 -71.14 -0.34 16.64
C SER B 57 -69.76 0.08 17.16
N LYS B 58 -68.75 -0.01 16.29
CA LYS B 58 -67.39 0.44 16.59
C LYS B 58 -67.36 1.97 16.57
N GLU B 59 -67.84 2.58 17.65
CA GLU B 59 -67.70 4.03 17.77
C GLU B 59 -66.34 4.41 18.34
N ASN B 60 -66.00 3.89 19.52
CA ASN B 60 -64.67 4.11 20.10
C ASN B 60 -63.62 3.15 19.58
N GLU B 61 -64.02 2.04 18.94
CA GLU B 61 -63.04 1.11 18.38
C GLU B 61 -62.25 1.74 17.25
N GLU B 62 -62.89 2.57 16.43
CA GLU B 62 -62.15 3.23 15.35
C GLU B 62 -61.21 4.30 15.89
N LYS B 63 -61.62 5.00 16.93
CA LYS B 63 -60.76 6.01 17.54
C LYS B 63 -59.57 5.36 18.25
N VAL B 64 -59.83 4.27 18.99
CA VAL B 64 -58.77 3.64 19.76
C VAL B 64 -57.80 2.88 18.86
N CYS B 65 -58.30 2.27 17.79
CA CYS B 65 -57.40 1.50 16.92
C CYS B 65 -56.40 2.41 16.22
N LEU B 66 -56.78 3.65 15.93
CA LEU B 66 -55.83 4.58 15.30
C LEU B 66 -54.83 5.13 16.31
N GLU B 67 -55.30 5.52 17.49
CA GLU B 67 -54.40 6.03 18.52
C GLU B 67 -53.48 4.93 19.05
N TYR B 68 -53.98 3.70 19.17
CA TYR B 68 -53.14 2.59 19.60
C TYR B 68 -52.05 2.29 18.57
N ASN B 69 -52.40 2.31 17.29
CA ASN B 69 -51.41 2.07 16.24
C ASN B 69 -50.37 3.19 16.20
N GLU B 70 -50.84 4.45 16.20
CA GLU B 70 -49.92 5.58 16.13
C GLU B 70 -48.97 5.60 17.32
N GLU B 71 -49.44 5.20 18.49
CA GLU B 71 -48.56 5.11 19.65
C GLU B 71 -47.62 3.92 19.53
N LEU B 72 -48.07 2.84 18.90
CA LEU B 72 -47.21 1.68 18.70
C LEU B 72 -46.06 2.01 17.75
N GLU B 73 -46.37 2.68 16.63
CA GLU B 73 -45.31 3.08 15.70
C GLU B 73 -44.37 4.08 16.34
N LYS B 74 -44.87 4.95 17.22
CA LYS B 74 -44.01 5.87 17.95
C LYS B 74 -43.08 5.13 18.90
N LEU B 75 -43.58 4.08 19.55
CA LEU B 75 -42.74 3.29 20.44
C LEU B 75 -41.76 2.41 19.68
N CYS B 76 -42.11 2.01 18.46
CA CYS B 76 -41.19 1.25 17.63
C CYS B 76 -40.00 2.10 17.21
N GLU B 77 -40.24 3.37 16.88
CA GLU B 77 -39.14 4.27 16.58
C GLU B 77 -38.32 4.61 17.82
N GLU B 78 -38.98 4.70 18.98
CA GLU B 78 -38.28 4.97 20.23
C GLU B 78 -37.37 3.81 20.61
N LEU B 79 -37.84 2.57 20.43
CA LEU B 79 -37.01 1.41 20.74
C LEU B 79 -35.92 1.23 19.71
N GLN B 80 -36.22 1.51 18.43
CA GLN B 80 -35.20 1.43 17.39
C GLN B 80 -34.12 2.49 17.59
N ALA B 81 -34.48 3.65 18.13
CA ALA B 81 -33.47 4.67 18.43
C ALA B 81 -32.52 4.19 19.52
N THR B 82 -33.01 3.36 20.45
CA THR B 82 -32.12 2.77 21.45
C THR B 82 -31.24 1.69 20.83
N LEU B 83 -31.78 0.93 19.88
CA LEU B 83 -30.98 -0.07 19.18
C LEU B 83 -29.83 0.58 18.42
N ASP B 84 -30.13 1.66 17.68
CA ASP B 84 -29.08 2.36 16.94
C ASP B 84 -28.03 2.94 17.88
N GLY B 85 -28.44 3.41 19.05
CA GLY B 85 -27.48 3.92 20.01
C GLY B 85 -26.53 2.84 20.51
N LEU B 86 -27.06 1.65 20.82
CA LEU B 86 -26.20 0.55 21.22
C LEU B 86 -25.33 0.04 20.08
N THR B 87 -25.78 0.21 18.84
CA THR B 87 -24.97 -0.21 17.70
C THR B 87 -23.77 0.70 17.51
N LYS B 88 -23.94 2.00 17.70
CA LYS B 88 -22.81 2.92 17.64
C LYS B 88 -21.79 2.61 18.72
N ILE B 89 -22.25 2.18 19.89
CA ILE B 89 -21.34 1.76 20.95
C ILE B 89 -20.58 0.51 20.52
N GLN B 90 -21.30 -0.46 19.94
CA GLN B 90 -20.66 -1.71 19.51
C GLN B 90 -19.63 -1.46 18.41
N VAL B 91 -19.88 -0.48 17.54
CA VAL B 91 -18.88 -0.11 16.54
C VAL B 91 -17.62 0.41 17.21
N LYS B 92 -17.78 1.26 18.24
CA LYS B 92 -16.63 1.72 18.99
C LYS B 92 -15.96 0.59 19.75
N GLU B 94 -15.66 -2.50 18.53
CA GLU B 94 -14.82 -3.09 17.49
C GLU B 94 -13.60 -2.21 17.21
N LYS B 95 -13.75 -0.88 17.35
CA LYS B 95 -12.61 0.01 17.17
C LYS B 95 -11.63 -0.11 18.33
N LEU B 96 -12.11 -0.50 19.51
CA LEU B 96 -11.23 -0.73 20.65
C LEU B 96 -10.53 -2.07 20.56
N SER B 97 -11.19 -3.08 19.98
CA SER B 97 -10.58 -4.40 19.86
C SER B 97 -9.57 -4.46 18.72
N SER B 98 -9.77 -3.68 17.67
CA SER B 98 -8.78 -3.62 16.59
C SER B 98 -7.59 -2.74 16.96
N THR B 99 -7.82 -1.70 17.76
CA THR B 99 -6.71 -0.87 18.24
C THR B 99 -5.82 -1.66 19.19
N THR B 100 -6.42 -2.35 20.15
CA THR B 100 -5.64 -3.26 21.01
C THR B 100 -4.97 -4.34 20.17
N LYS B 101 -5.70 -4.87 19.17
CA LYS B 101 -5.11 -5.90 18.30
C LYS B 101 -3.85 -5.40 17.62
N GLY B 102 -3.81 -4.11 17.26
CA GLY B 102 -2.62 -3.56 16.62
C GLY B 102 -1.50 -3.31 17.59
N ILE B 103 -1.81 -3.07 18.86
CA ILE B 103 -0.77 -2.80 19.86
C ILE B 103 0.11 -4.03 20.02
N CYS B 104 -0.51 -5.20 20.16
CA CYS B 104 0.24 -6.44 20.27
C CYS B 104 0.89 -6.85 18.96
N GLU B 105 0.36 -6.38 17.82
CA GLU B 105 0.99 -6.67 16.54
C GLU B 105 2.41 -6.11 16.48
N LEU B 106 2.62 -4.93 17.06
CA LEU B 106 3.96 -4.36 17.13
C LEU B 106 4.70 -4.75 18.40
N GLU B 107 4.01 -5.35 19.37
CA GLU B 107 4.67 -5.83 20.57
C GLU B 107 5.35 -7.18 20.33
N ASN B 108 4.73 -8.05 19.53
CA ASN B 108 5.32 -9.34 19.23
C ASN B 108 6.58 -9.23 18.39
N TYR B 109 6.75 -8.16 17.62
CA TYR B 109 7.95 -8.02 16.83
C TYR B 109 9.10 -7.39 17.61
N HIS B 110 8.77 -6.50 18.56
CA HIS B 110 9.81 -5.81 19.32
C HIS B 110 10.68 -6.78 20.11
N TYR B 111 10.12 -7.91 20.53
CA TYR B 111 10.88 -8.87 21.33
C TYR B 111 11.04 -10.20 20.59
N GLY B 112 11.29 -10.12 19.28
CA GLY B 112 11.57 -11.32 18.50
C GLY B 112 10.47 -12.36 18.62
N GLU B 113 10.88 -13.61 18.69
CA GLU B 113 9.98 -14.73 18.98
C GLU B 113 10.58 -15.67 20.02
N GLU B 114 11.76 -15.38 20.56
CA GLU B 114 12.44 -16.25 21.50
C GLU B 114 12.60 -15.64 22.88
N SER B 115 12.16 -14.41 23.10
CA SER B 115 12.21 -13.78 24.42
C SER B 115 10.80 -13.61 24.98
N LYS B 116 10.70 -13.76 26.30
CA LYS B 116 9.46 -13.51 27.02
C LYS B 116 8.98 -12.07 26.81
N ARG B 117 7.66 -11.89 26.96
CA ARG B 117 7.03 -10.60 26.71
C ARG B 117 6.95 -9.85 28.03
N PRO B 118 7.63 -8.73 28.18
CA PRO B 118 7.55 -7.95 29.43
C PRO B 118 6.16 -7.39 29.63
N PRO B 119 5.62 -7.49 30.85
CA PRO B 119 4.28 -6.94 31.12
C PRO B 119 4.25 -5.43 30.95
N LEU B 120 3.21 -4.95 30.25
CA LEU B 120 3.07 -3.53 30.00
C LEU B 120 2.89 -2.74 31.28
N PHE B 121 2.26 -3.34 32.30
CA PHE B 121 2.09 -2.70 33.60
C PHE B 121 2.79 -3.56 34.63
N HIS B 122 2.09 -4.06 35.63
CA HIS B 122 2.73 -4.86 36.68
C HIS B 122 2.63 -6.36 36.45
N THR B 123 1.49 -6.87 35.97
CA THR B 123 1.29 -8.31 35.86
C THR B 123 0.51 -8.68 34.60
N TRP B 124 0.60 -7.88 33.55
CA TRP B 124 -0.22 -8.16 32.36
C TRP B 124 0.60 -8.03 31.09
N PRO B 125 0.80 -9.11 30.35
CA PRO B 125 1.40 -8.98 29.01
C PRO B 125 0.47 -8.27 28.05
N THR B 126 1.06 -7.78 26.95
CA THR B 126 0.27 -7.08 25.94
C THR B 126 -0.73 -8.01 25.26
N THR B 127 -0.41 -9.30 25.16
CA THR B 127 -1.32 -10.25 24.52
C THR B 127 -2.60 -10.42 25.32
N HIS B 128 -2.51 -10.37 26.65
CA HIS B 128 -3.69 -10.58 27.48
C HIS B 128 -4.69 -9.44 27.33
N PHE B 129 -4.22 -8.23 27.00
CA PHE B 129 -5.15 -7.13 26.75
C PHE B 129 -6.00 -7.37 25.51
N TYR B 130 -5.52 -8.18 24.56
CA TYR B 130 -6.32 -8.50 23.39
C TYR B 130 -7.37 -9.55 23.71
N GLU B 131 -7.01 -10.60 24.46
CA GLU B 131 -7.95 -11.67 24.79
C GLU B 131 -9.14 -11.16 25.58
N VAL B 132 -8.98 -10.05 26.31
CA VAL B 132 -10.11 -9.45 27.01
C VAL B 132 -10.91 -8.57 26.05
N SER B 133 -10.23 -7.81 25.21
CA SER B 133 -10.94 -6.96 24.25
C SER B 133 -11.72 -7.78 23.24
N HIS B 134 -11.25 -8.99 22.93
CA HIS B 134 -11.95 -9.84 21.96
C HIS B 134 -13.16 -10.54 22.58
N LYS B 135 -13.02 -11.05 23.80
CA LYS B 135 -14.15 -11.69 24.48
C LYS B 135 -15.24 -10.67 24.82
N LEU B 136 -14.85 -9.51 25.35
CA LEU B 136 -15.81 -8.46 25.63
C LEU B 136 -16.55 -8.03 24.37
N LEU B 137 -15.84 -7.97 23.24
CA LEU B 137 -16.48 -7.63 21.98
C LEU B 137 -17.48 -8.70 21.56
N GLU B 138 -17.08 -9.97 21.67
CA GLU B 138 -17.96 -11.06 21.26
C GLU B 138 -19.25 -11.08 22.07
N TYR B 140 -20.97 -8.47 23.66
CA TYR B 140 -21.90 -7.41 23.28
C TYR B 140 -22.27 -7.46 21.80
N ARG B 141 -21.44 -8.09 20.97
CA ARG B 141 -21.84 -8.33 19.58
C ARG B 141 -23.02 -9.31 19.51
N LYS B 142 -22.97 -10.37 20.32
CA LYS B 142 -24.11 -11.28 20.42
C LYS B 142 -25.33 -10.58 21.03
N GLU B 143 -25.11 -9.79 22.08
CA GLU B 143 -26.21 -9.12 22.75
C GLU B 143 -26.91 -8.14 21.83
N LEU B 144 -26.15 -7.41 21.02
CA LEU B 144 -26.76 -6.46 20.08
C LEU B 144 -27.67 -7.17 19.09
N LEU B 145 -27.20 -8.29 18.52
CA LEU B 145 -28.03 -9.03 17.57
C LEU B 145 -29.30 -9.58 18.22
N LEU B 146 -29.22 -9.96 19.50
CA LEU B 146 -30.41 -10.44 20.19
C LEU B 146 -31.40 -9.30 20.43
N LYS B 147 -30.90 -8.15 20.90
CA LYS B 147 -31.77 -7.01 21.16
C LYS B 147 -32.49 -6.56 19.89
N ARG B 148 -31.85 -6.71 18.74
CA ARG B 148 -32.53 -6.44 17.47
C ARG B 148 -33.70 -7.40 17.28
N THR B 149 -33.47 -8.70 17.49
CA THR B 149 -34.51 -9.69 17.28
C THR B 149 -35.66 -9.52 18.27
N VAL B 150 -35.35 -9.24 19.54
CA VAL B 150 -36.38 -9.07 20.55
C VAL B 150 -37.21 -7.82 20.24
N ALA B 151 -36.57 -6.75 19.78
CA ALA B 151 -37.29 -5.52 19.45
C ALA B 151 -38.26 -5.74 18.29
N LYS B 152 -37.82 -6.50 17.28
CA LYS B 152 -38.68 -6.74 16.11
C LYS B 152 -39.88 -7.61 16.49
N GLU B 153 -39.65 -8.67 17.26
CA GLU B 153 -40.70 -9.62 17.56
C GLU B 153 -41.62 -9.17 18.68
N LEU B 154 -41.19 -8.22 19.51
CA LEU B 154 -42.04 -7.76 20.60
C LEU B 154 -43.29 -7.06 20.08
N ALA B 155 -43.13 -6.19 19.07
CA ALA B 155 -44.29 -5.53 18.49
C ALA B 155 -45.15 -6.49 17.68
N HIS B 156 -44.53 -7.52 17.09
CA HIS B 156 -45.27 -8.44 16.22
C HIS B 156 -46.05 -9.49 17.02
N THR B 157 -45.54 -9.89 18.17
CA THR B 157 -46.15 -11.00 18.91
C THR B 157 -47.44 -10.55 19.58
N GLY B 158 -48.24 -11.54 19.98
CA GLY B 158 -49.44 -11.31 20.75
C GLY B 158 -49.56 -12.32 21.87
N ASP B 159 -48.62 -13.26 21.91
CA ASP B 159 -48.63 -14.27 22.94
C ASP B 159 -48.20 -13.66 24.27
N PRO B 160 -48.98 -13.81 25.34
CA PRO B 160 -48.56 -13.21 26.62
C PRO B 160 -47.28 -13.79 27.19
N ASP B 161 -47.17 -15.11 27.24
CA ASP B 161 -45.96 -15.73 27.80
C ASP B 161 -44.73 -15.43 26.96
N LEU B 162 -44.91 -15.20 25.66
CA LEU B 162 -43.77 -14.81 24.82
C LEU B 162 -43.36 -13.37 25.05
N THR B 163 -44.34 -12.49 25.30
CA THR B 163 -44.01 -11.10 25.60
C THR B 163 -43.25 -10.96 26.91
N LEU B 164 -43.66 -11.72 27.93
CA LEU B 164 -42.95 -11.69 29.21
C LEU B 164 -41.50 -12.13 29.05
N SER B 165 -41.28 -13.21 28.31
CA SER B 165 -39.91 -13.68 28.09
C SER B 165 -39.09 -12.70 27.27
N TYR B 166 -39.75 -11.93 26.39
CA TYR B 166 -39.05 -10.91 25.63
C TYR B 166 -38.47 -9.83 26.54
N LEU B 167 -39.27 -9.35 27.49
CA LEU B 167 -38.77 -8.34 28.43
C LEU B 167 -37.69 -8.91 29.34
N SER B 168 -37.76 -10.20 29.65
CA SER B 168 -36.78 -10.79 30.56
C SER B 168 -35.38 -10.81 29.94
N TRP B 170 -34.19 -8.74 27.47
CA TRP B 170 -33.68 -7.37 27.38
C TRP B 170 -33.22 -6.87 28.75
N LEU B 171 -33.93 -7.26 29.81
CA LEU B 171 -33.64 -6.78 31.15
C LEU B 171 -32.29 -7.27 31.66
N HIS B 172 -32.15 -8.59 31.84
CA HIS B 172 -30.92 -9.13 32.40
C HIS B 172 -29.79 -9.22 31.37
N GLN B 173 -30.14 -9.34 30.09
CA GLN B 173 -29.22 -9.59 28.99
C GLN B 173 -28.49 -10.91 29.22
N PRO B 174 -28.73 -11.92 28.40
CA PRO B 174 -28.16 -13.24 28.66
C PRO B 174 -26.71 -13.35 28.22
N TYR B 175 -26.41 -12.85 27.02
CA TYR B 175 -25.07 -13.05 26.46
C TYR B 175 -24.01 -12.35 27.30
N VAL B 176 -24.37 -11.26 27.97
CA VAL B 176 -23.43 -10.58 28.86
C VAL B 176 -23.32 -11.40 30.13
N GLU B 177 -22.31 -12.27 30.20
CA GLU B 177 -22.07 -13.11 31.35
C GLU B 177 -21.70 -12.26 32.57
N SER B 178 -21.92 -12.84 33.75
CA SER B 178 -21.62 -12.14 34.99
C SER B 178 -20.13 -11.81 35.15
N ASP B 179 -19.26 -12.57 34.49
CA ASP B 179 -17.82 -12.35 34.62
C ASP B 179 -17.33 -11.11 33.88
N SER B 180 -18.22 -10.38 33.19
CA SER B 180 -17.79 -9.17 32.50
C SER B 180 -17.39 -8.08 33.48
N ARG B 181 -18.05 -8.03 34.65
CA ARG B 181 -17.72 -7.02 35.65
C ARG B 181 -16.37 -7.26 36.29
N LEU B 182 -15.95 -8.53 36.41
CA LEU B 182 -14.66 -8.83 37.02
C LEU B 182 -13.51 -8.59 36.05
N HIS B 183 -13.67 -8.99 34.79
CA HIS B 183 -12.63 -8.74 33.80
C HIS B 183 -12.41 -7.26 33.58
N LEU B 184 -13.46 -6.45 33.72
CA LEU B 184 -13.30 -5.00 33.60
C LEU B 184 -12.44 -4.44 34.73
N GLU B 185 -12.63 -4.95 35.94
CA GLU B 185 -11.80 -4.51 37.07
C GLU B 185 -10.36 -4.98 36.92
N SER B 186 -10.14 -6.17 36.35
CA SER B 186 -8.79 -6.65 36.12
C SER B 186 -8.03 -5.77 35.14
N LEU B 188 -8.66 -2.23 34.84
CA LEU B 188 -8.46 -0.93 35.44
C LEU B 188 -7.48 -0.98 36.61
N LEU B 189 -7.46 -2.08 37.37
CA LEU B 189 -6.47 -2.22 38.43
C LEU B 189 -5.06 -2.35 37.87
N GLU B 190 -4.94 -2.91 36.67
CA GLU B 190 -3.62 -3.09 36.05
C GLU B 190 -3.11 -1.80 35.44
N THR B 191 -3.94 -1.13 34.64
CA THR B 191 -3.52 0.08 33.94
C THR B 191 -3.25 1.25 34.89
N GLY B 192 -3.66 1.16 36.14
CA GLY B 192 -3.39 2.20 37.11
C GLY B 192 -4.56 3.10 37.46
N HIS B 193 -5.76 2.83 36.92
CA HIS B 193 -6.91 3.64 37.28
C HIS B 193 -7.36 3.33 38.70
N ARG B 194 -7.74 2.07 38.95
CA ARG B 194 -8.10 1.63 40.29
C ARG B 194 -6.86 1.36 41.11
N ALA B 195 -6.88 1.82 42.36
CA ALA B 195 -5.73 1.60 43.24
C ALA B 195 -5.55 0.12 43.51
N LEU B 196 -4.32 -0.37 43.32
CA LEU B 196 -4.01 -1.78 43.55
C LEU B 196 -4.14 -2.14 45.03
N THR C 1 18.38 29.11 -37.82
CA THR C 1 18.54 28.15 -36.73
C THR C 1 19.44 26.99 -37.17
N GLN C 2 19.72 26.09 -36.24
CA GLN C 2 20.54 24.93 -36.52
C GLN C 2 19.87 24.02 -37.55
N ASP C 3 20.62 23.02 -38.01
CA ASP C 3 20.06 22.03 -38.92
C ASP C 3 18.94 21.24 -38.27
N ARG C 4 18.90 21.21 -36.93
CA ARG C 4 17.86 20.55 -36.17
C ARG C 4 17.56 21.41 -34.94
N PRO C 5 16.38 22.04 -34.88
CA PRO C 5 16.09 22.96 -33.76
C PRO C 5 16.03 22.28 -32.41
N LEU C 6 16.03 20.95 -32.35
CA LEU C 6 16.03 20.23 -31.10
C LEU C 6 17.43 20.07 -30.50
N LEU C 7 18.47 20.22 -31.31
CA LEU C 7 19.83 20.08 -30.80
C LEU C 7 20.14 21.10 -29.71
N ALA C 8 19.53 22.30 -29.78
CA ALA C 8 19.72 23.28 -28.73
C ALA C 8 19.13 22.81 -27.40
N VAL C 9 18.09 21.97 -27.46
CA VAL C 9 17.48 21.45 -26.24
C VAL C 9 18.27 20.25 -25.72
N GLN C 10 18.74 19.38 -26.62
CA GLN C 10 19.55 18.24 -26.19
C GLN C 10 20.87 18.70 -25.57
N GLU C 11 21.46 19.77 -26.11
CA GLU C 11 22.67 20.31 -25.52
C GLU C 11 22.40 20.92 -24.16
N ALA C 12 21.21 21.50 -23.96
CA ALA C 12 20.85 22.04 -22.65
C ALA C 12 20.68 20.92 -21.63
N LEU C 13 20.14 19.78 -22.07
CA LEU C 13 19.94 18.65 -21.15
C LEU C 13 21.25 17.91 -20.88
N LYS C 14 22.13 17.82 -21.88
CA LYS C 14 23.43 17.20 -21.68
C LYS C 14 24.29 17.98 -20.70
N LYS C 15 23.99 19.26 -20.50
CA LYS C 15 24.71 20.08 -19.53
C LYS C 15 23.98 20.25 -18.21
N CYS C 16 22.70 19.88 -18.14
CA CYS C 16 21.91 20.09 -16.94
C CYS C 16 21.96 18.91 -15.98
N PHE C 17 21.87 17.69 -16.49
CA PHE C 17 21.87 16.49 -15.65
C PHE C 17 23.20 16.26 -14.94
N PRO C 18 24.36 16.47 -15.59
CA PRO C 18 25.62 16.42 -14.83
C PRO C 18 25.70 17.47 -13.73
N VAL C 19 25.03 18.60 -13.88
CA VAL C 19 24.99 19.59 -12.80
C VAL C 19 24.12 19.08 -11.65
N VAL C 20 22.97 18.48 -11.98
CA VAL C 20 22.11 17.89 -10.95
C VAL C 20 22.87 16.78 -10.22
N GLU C 21 23.77 16.11 -10.91
CA GLU C 21 24.56 15.05 -10.29
C GLU C 21 25.52 15.62 -9.25
N GLU C 22 26.10 16.79 -9.52
CA GLU C 22 26.96 17.44 -8.54
C GLU C 22 26.15 17.95 -7.35
N GLN C 23 24.99 18.55 -7.61
CA GLN C 23 24.19 19.12 -6.54
C GLN C 23 23.65 18.06 -5.59
N GLN C 24 23.31 16.88 -6.10
CA GLN C 24 22.87 15.80 -5.23
C GLN C 24 24.00 15.30 -4.34
N GLY C 25 25.24 15.40 -4.80
CA GLY C 25 26.37 15.01 -3.97
C GLY C 25 26.57 15.94 -2.79
N LEU C 26 26.38 17.25 -3.02
CA LEU C 26 26.46 18.21 -1.93
C LEU C 26 25.22 18.15 -1.04
N TRP C 27 24.06 17.90 -1.63
CA TRP C 27 22.82 17.77 -0.85
C TRP C 27 22.92 16.62 0.14
N GLN C 28 23.49 15.49 -0.27
CA GLN C 28 23.60 14.34 0.61
C GLN C 28 24.75 14.47 1.60
N SER C 29 25.86 15.10 1.19
CA SER C 29 26.98 15.29 2.10
C SER C 29 26.64 16.25 3.24
N ALA C 30 25.63 17.09 3.07
CA ALA C 30 25.17 17.97 4.13
C ALA C 30 24.17 17.30 5.06
N LEU C 31 23.29 16.46 4.51
CA LEU C 31 22.34 15.73 5.35
C LEU C 31 23.04 14.70 6.22
N ARG C 32 24.16 14.15 5.77
CA ARG C 32 24.93 13.24 6.61
C ARG C 32 25.58 13.97 7.77
N ASP C 33 26.01 15.22 7.54
CA ASP C 33 26.57 16.03 8.62
C ASP C 33 25.50 16.45 9.63
N CYS C 34 24.22 16.38 9.27
CA CYS C 34 23.15 16.78 10.17
C CYS C 34 22.71 15.66 11.09
N GLN C 35 23.06 14.40 10.78
CA GLN C 35 22.70 13.31 11.68
C GLN C 35 23.40 13.43 13.03
N PRO C 36 24.73 13.63 13.10
CA PRO C 36 25.35 13.78 14.43
C PRO C 36 25.11 15.14 15.06
N LEU C 37 24.86 16.17 14.25
CA LEU C 37 24.57 17.49 14.81
C LEU C 37 23.27 17.48 15.60
N LEU C 38 22.22 16.87 15.05
CA LEU C 38 20.96 16.75 15.78
C LEU C 38 21.07 15.76 16.94
N SER C 39 21.94 14.76 16.81
CA SER C 39 22.20 13.86 17.92
C SER C 39 22.89 14.59 19.06
N SER C 40 23.80 15.52 18.74
CA SER C 40 24.45 16.31 19.77
C SER C 40 23.51 17.36 20.34
N LEU C 41 22.52 17.80 19.57
CA LEU C 41 21.50 18.70 20.12
C LEU C 41 20.63 17.98 21.14
N SER C 42 20.17 16.77 20.80
CA SER C 42 19.43 15.96 21.77
C SER C 42 20.31 15.56 22.95
N ASN C 43 21.60 15.36 22.71
CA ASN C 43 22.51 14.99 23.79
C ASN C 43 22.69 16.14 24.78
N LEU C 44 22.97 17.35 24.27
CA LEU C 44 23.10 18.51 25.14
C LEU C 44 21.79 18.86 25.81
N ALA C 45 20.65 18.58 25.16
CA ALA C 45 19.36 18.82 25.79
C ALA C 45 19.18 17.95 27.02
N GLU C 46 19.57 16.67 26.94
CA GLU C 46 19.48 15.79 28.10
C GLU C 46 20.42 16.23 29.21
N GLN C 47 21.62 16.68 28.84
CA GLN C 47 22.58 17.16 29.85
C GLN C 47 22.10 18.44 30.50
N LEU C 48 21.60 19.39 29.71
CA LEU C 48 21.12 20.65 30.26
C LEU C 48 19.93 20.45 31.18
N GLN C 49 19.03 19.53 30.83
CA GLN C 49 17.85 19.30 31.66
C GLN C 49 18.23 18.66 32.99
N ALA C 50 19.04 17.60 32.95
CA ALA C 50 19.46 16.93 34.17
C ALA C 50 20.28 17.87 35.07
N ALA C 51 21.10 18.72 34.46
CA ALA C 51 21.91 19.66 35.25
C ALA C 51 21.04 20.73 35.90
N GLN C 52 19.98 21.18 35.20
CA GLN C 52 19.09 22.17 35.78
C GLN C 52 18.22 21.57 36.88
N ASN C 53 17.88 20.29 36.76
CA ASN C 53 17.16 19.60 37.83
C ASN C 53 17.96 19.55 39.11
N LEU C 54 19.29 19.51 39.00
CA LEU C 54 20.20 19.39 40.13
C LEU C 54 20.78 20.73 40.58
N ARG C 55 19.94 21.75 40.65
CA ARG C 55 20.33 23.04 41.21
C ARG C 55 20.11 23.10 42.72
N PHE C 56 19.28 22.22 43.26
CA PHE C 56 19.02 22.12 44.69
C PHE C 56 19.93 21.11 45.39
N GLU C 57 20.70 20.34 44.64
CA GLU C 57 21.52 19.29 45.21
C GLU C 57 22.59 19.83 46.15
N ASP C 58 23.05 18.96 47.05
CA ASP C 58 24.16 19.22 47.97
C ASP C 58 25.04 17.97 47.89
N VAL C 59 25.91 17.93 46.89
CA VAL C 59 26.85 16.82 46.72
C VAL C 59 28.09 17.01 47.58
N PRO C 60 28.47 16.02 48.40
CA PRO C 60 29.71 16.17 49.18
C PRO C 60 30.94 16.29 48.30
N ALA C 61 30.90 15.66 47.12
CA ALA C 61 32.00 15.73 46.17
C ALA C 61 32.12 17.12 45.54
N LEU C 62 31.03 17.89 45.51
CA LEU C 62 31.01 19.23 44.94
C LEU C 62 31.72 20.25 45.81
N ARG C 63 32.28 19.83 46.95
CA ARG C 63 33.01 20.73 47.82
C ARG C 63 34.27 21.23 47.13
N ALA C 64 34.67 22.46 47.46
CA ALA C 64 35.88 23.09 46.92
C ALA C 64 35.83 23.19 45.40
N PHE C 65 34.63 23.27 44.82
CA PHE C 65 34.44 23.45 43.38
C PHE C 65 33.59 24.69 43.18
N PRO C 66 34.20 25.86 43.09
CA PRO C 66 33.42 27.09 42.92
C PRO C 66 32.97 27.28 41.47
N ASP C 67 31.78 27.85 41.32
CA ASP C 67 31.22 28.22 40.02
C ASP C 67 31.09 27.03 39.08
N LEU C 68 31.04 25.81 39.61
CA LEU C 68 30.98 24.64 38.75
C LEU C 68 29.59 24.48 38.14
N LYS C 69 28.55 24.65 38.96
CA LYS C 69 27.19 24.60 38.42
C LYS C 69 26.96 25.73 37.45
N GLU C 70 27.56 26.90 37.71
CA GLU C 70 27.35 28.06 36.86
C GLU C 70 28.09 27.93 35.54
N ARG C 71 29.34 27.49 35.58
CA ARG C 71 30.14 27.39 34.35
C ARG C 71 29.62 26.29 33.44
N LEU C 72 29.25 25.14 34.01
CA LEU C 72 28.75 24.04 33.19
C LEU C 72 27.57 24.47 32.34
N ARG C 73 26.67 25.27 32.91
CA ARG C 73 25.51 25.72 32.15
C ARG C 73 25.93 26.64 31.01
N ARG C 74 26.81 27.60 31.28
CA ARG C 74 27.32 28.48 30.23
C ARG C 74 28.07 27.68 29.17
N LYS C 75 28.87 26.71 29.59
CA LYS C 75 29.65 25.88 28.68
C LYS C 75 28.76 25.00 27.82
N GLN C 76 27.64 24.51 28.37
CA GLN C 76 26.70 23.74 27.57
C GLN C 76 26.05 24.62 26.49
N LEU C 77 25.70 25.86 26.85
CA LEU C 77 25.06 26.74 25.88
C LEU C 77 26.03 27.17 24.78
N VAL C 78 27.32 27.30 25.10
CA VAL C 78 28.32 27.62 24.09
C VAL C 78 28.45 26.47 23.09
N ALA C 79 28.57 25.25 23.59
CA ALA C 79 28.62 24.09 22.71
C ALA C 79 27.31 23.89 21.97
N GLY C 80 26.20 24.40 22.50
CA GLY C 80 24.93 24.29 21.79
C GLY C 80 24.85 25.25 20.63
N ASP C 81 25.28 26.50 20.82
CA ASP C 81 25.26 27.47 19.73
C ASP C 81 26.25 27.10 18.63
N ILE C 82 27.30 26.35 18.97
CA ILE C 82 28.22 25.87 17.94
C ILE C 82 27.53 24.85 17.04
N VAL C 83 26.74 23.95 17.63
CA VAL C 83 25.99 22.99 16.84
C VAL C 83 24.92 23.68 16.03
N LEU C 84 24.30 24.73 16.58
CA LEU C 84 23.29 25.47 15.85
C LEU C 84 23.89 26.22 14.67
N ASP C 85 25.08 26.80 14.86
CA ASP C 85 25.75 27.51 13.77
C ASP C 85 26.16 26.55 12.66
N LYS C 86 26.56 25.33 13.02
CA LYS C 86 26.92 24.35 11.99
C LYS C 86 25.69 23.86 11.24
N LEU C 87 24.55 23.74 11.94
CA LEU C 87 23.31 23.39 11.26
C LEU C 87 22.87 24.49 10.31
N GLY C 88 23.10 25.75 10.69
CA GLY C 88 22.82 26.85 9.77
C GLY C 88 23.69 26.82 8.54
N GLU C 89 24.94 26.34 8.67
CA GLU C 89 25.80 26.18 7.51
C GLU C 89 25.27 25.09 6.58
N ARG C 90 24.68 24.03 7.15
CA ARG C 90 24.14 22.96 6.31
C ARG C 90 22.86 23.39 5.60
N LEU C 91 22.04 24.23 6.25
CA LEU C 91 20.88 24.79 5.57
C LEU C 91 21.31 25.67 4.39
N ALA C 92 22.42 26.39 4.54
CA ALA C 92 22.94 27.18 3.43
C ALA C 92 23.38 26.30 2.28
N ILE C 93 23.89 25.10 2.57
CA ILE C 93 24.25 24.17 1.51
C ILE C 93 23.01 23.64 0.82
N LEU C 94 21.98 23.26 1.59
CA LEU C 94 20.76 22.75 1.00
C LEU C 94 20.01 23.83 0.22
N LEU C 95 20.07 25.07 0.69
CA LEU C 95 19.45 26.17 -0.04
C LEU C 95 20.20 26.46 -1.34
N LYS C 96 21.53 26.42 -1.31
CA LYS C 96 22.31 26.64 -2.52
C LYS C 96 22.05 25.56 -3.55
N VAL C 97 21.93 24.30 -3.11
CA VAL C 97 21.59 23.22 -4.01
C VAL C 97 20.21 23.46 -4.62
N ARG C 98 19.28 23.98 -3.83
CA ARG C 98 17.94 24.26 -4.35
C ARG C 98 17.97 25.38 -5.38
N ASP C 99 18.71 26.45 -5.10
CA ASP C 99 18.75 27.59 -6.02
C ASP C 99 19.48 27.26 -7.31
N VAL C 101 19.57 24.15 -8.92
CA VAL C 101 18.72 23.32 -9.77
C VAL C 101 17.50 24.11 -10.24
N SER C 102 16.95 24.95 -9.36
CA SER C 102 15.79 25.75 -9.74
C SER C 102 16.11 26.79 -10.80
N SER C 103 17.40 27.10 -10.99
CA SER C 103 17.83 28.06 -12.00
C SER C 103 18.28 27.39 -13.29
N HIS C 104 18.98 26.26 -13.20
CA HIS C 104 19.40 25.56 -14.40
C HIS C 104 18.20 24.97 -15.13
N VAL C 105 17.24 24.41 -14.40
CA VAL C 105 16.05 23.85 -15.03
C VAL C 105 15.22 24.95 -15.70
N GLU C 106 15.12 26.12 -15.07
CA GLU C 106 14.41 27.22 -15.69
C GLU C 106 15.09 27.71 -16.95
N ARG C 107 16.42 27.67 -17.00
CA ARG C 107 17.13 28.08 -18.20
C ARG C 107 16.97 27.05 -19.31
N VAL C 108 16.98 25.76 -18.97
CA VAL C 108 16.74 24.73 -19.97
C VAL C 108 15.31 24.83 -20.50
N PHE C 109 14.35 25.21 -19.66
CA PHE C 109 12.98 25.36 -20.12
C PHE C 109 12.78 26.61 -20.95
N GLN C 110 13.61 27.64 -20.74
CA GLN C 110 13.58 28.81 -21.61
C GLN C 110 14.09 28.47 -23.01
N ILE C 111 15.15 27.65 -23.09
CA ILE C 111 15.65 27.20 -24.38
C ILE C 111 14.59 26.39 -25.12
N TYR C 112 13.82 25.60 -24.38
CA TYR C 112 12.76 24.81 -24.99
C TYR C 112 11.65 25.70 -25.53
N GLU C 113 11.25 26.72 -24.78
CA GLU C 113 10.17 27.61 -25.21
C GLU C 113 10.55 28.47 -26.41
N GLN C 114 11.84 28.56 -26.76
CA GLN C 114 12.23 29.29 -27.97
C GLN C 114 11.88 28.50 -29.23
N HIS C 115 11.97 27.17 -29.17
CA HIS C 115 11.73 26.32 -30.33
C HIS C 115 10.54 25.40 -30.12
N ALA C 116 9.60 25.77 -29.25
CA ALA C 116 8.45 24.91 -28.99
C ALA C 116 7.57 24.76 -30.22
N ASP C 117 7.46 25.81 -31.04
CA ASP C 117 6.63 25.77 -32.24
C ASP C 117 7.40 25.34 -33.48
N THR C 118 8.72 25.19 -33.39
CA THR C 118 9.54 24.85 -34.56
C THR C 118 10.09 23.43 -34.53
N VAL C 119 10.32 22.85 -33.35
CA VAL C 119 10.85 21.50 -33.28
C VAL C 119 9.80 20.48 -33.71
N GLY C 120 8.56 20.69 -33.32
CA GLY C 120 7.50 19.77 -33.64
C GLY C 120 7.11 18.89 -32.47
N ILE C 121 5.81 18.63 -32.31
CA ILE C 121 5.33 17.84 -31.19
C ILE C 121 5.75 16.38 -31.31
N ASP C 122 6.15 15.92 -32.50
CA ASP C 122 6.55 14.54 -32.68
C ASP C 122 7.99 14.30 -32.29
N ALA C 123 8.87 15.28 -32.51
CA ALA C 123 10.29 15.09 -32.20
C ALA C 123 10.54 15.05 -30.69
N VAL C 124 9.69 15.73 -29.90
CA VAL C 124 9.89 15.76 -28.46
C VAL C 124 9.47 14.44 -27.82
N LEU C 125 8.28 13.95 -28.18
CA LEU C 125 7.77 12.73 -27.58
C LEU C 125 8.50 11.47 -28.05
N GLN C 126 9.22 11.55 -29.17
CA GLN C 126 9.85 10.37 -29.74
C GLN C 126 11.12 10.02 -28.97
N PRO C 127 11.22 8.84 -28.38
CA PRO C 127 12.45 8.43 -27.70
C PRO C 127 13.38 7.68 -28.64
N SER C 128 14.62 7.52 -28.19
CA SER C 128 15.61 6.75 -28.93
C SER C 128 15.78 5.38 -28.26
N ALA C 129 16.75 4.60 -28.74
CA ALA C 129 16.94 3.25 -28.21
C ALA C 129 17.52 3.27 -26.80
N VAL C 130 18.40 4.23 -26.51
CA VAL C 130 19.04 4.30 -25.20
C VAL C 130 18.77 5.61 -24.48
N SER C 131 18.29 6.65 -25.15
CA SER C 131 17.98 7.92 -24.54
C SER C 131 16.48 8.10 -24.44
N PRO C 132 15.95 8.43 -23.27
CA PRO C 132 14.50 8.67 -23.15
C PRO C 132 14.06 9.86 -23.98
N SER C 133 12.74 9.99 -24.13
CA SER C 133 12.18 11.06 -24.93
C SER C 133 12.49 12.42 -24.31
N VAL C 134 12.69 13.42 -25.18
CA VAL C 134 13.02 14.76 -24.73
C VAL C 134 11.92 15.35 -23.84
N ALA C 135 10.68 14.88 -24.00
CA ALA C 135 9.60 15.33 -23.12
C ALA C 135 9.82 14.80 -21.70
N ASP C 136 10.14 13.51 -21.58
CA ASP C 136 10.40 12.94 -20.27
C ASP C 136 11.67 13.52 -19.66
N LEU C 138 12.59 16.69 -19.81
CA LEU C 138 12.19 17.94 -19.17
C LEU C 138 11.28 17.68 -17.98
N GLU C 139 10.34 16.73 -18.11
CA GLU C 139 9.42 16.44 -17.03
C GLU C 139 10.13 15.83 -15.82
N TRP C 140 11.22 15.11 -16.05
CA TRP C 140 12.01 14.59 -14.94
C TRP C 140 12.76 15.70 -14.23
N LEU C 141 13.19 16.73 -14.98
CA LEU C 141 13.80 17.89 -14.34
C LEU C 141 12.78 18.69 -13.54
N GLN C 142 11.50 18.63 -13.95
CA GLN C 142 10.44 19.27 -13.16
C GLN C 142 10.22 18.52 -11.85
N ASP C 143 10.33 17.20 -11.88
CA ASP C 143 10.18 16.41 -10.66
C ASP C 143 11.37 16.58 -9.72
N ILE C 144 12.57 16.78 -10.27
CA ILE C 144 13.74 17.01 -9.43
C ILE C 144 13.68 18.39 -8.80
N GLU C 145 13.25 19.40 -9.56
CA GLU C 145 13.09 20.73 -9.00
C GLU C 145 12.04 20.75 -7.90
N ARG C 146 11.02 19.90 -8.01
CA ARG C 146 10.03 19.78 -6.93
C ARG C 146 10.64 19.10 -5.71
N HIS C 147 11.42 18.03 -5.92
CA HIS C 147 11.94 17.26 -4.79
C HIS C 147 12.83 18.11 -3.89
N TYR C 148 13.65 18.98 -4.48
CA TYR C 148 14.54 19.81 -3.67
C TYR C 148 13.79 20.95 -2.97
N ARG C 149 12.83 21.55 -3.68
CA ARG C 149 12.09 22.68 -3.11
C ARG C 149 11.09 22.22 -2.05
N LYS C 150 10.44 21.08 -2.28
CA LYS C 150 9.48 20.56 -1.32
C LYS C 150 10.16 19.99 -0.09
N SER C 151 11.40 19.52 -0.24
CA SER C 151 12.14 19.01 0.91
C SER C 151 12.77 20.14 1.72
N TYR C 152 13.31 21.16 1.02
CA TYR C 152 13.95 22.28 1.72
C TYR C 152 12.97 23.00 2.65
N LEU C 153 11.70 23.07 2.28
CA LEU C 153 10.70 23.69 3.16
C LEU C 153 10.54 22.90 4.44
N LYS C 154 10.38 21.58 4.33
CA LYS C 154 10.24 20.74 5.52
C LYS C 154 11.53 20.72 6.33
N ARG C 155 12.67 20.77 5.65
CA ARG C 155 13.96 20.74 6.34
C ARG C 155 14.14 21.97 7.23
N LYS C 156 13.67 23.13 6.77
CA LYS C 156 13.82 24.36 7.52
C LYS C 156 12.77 24.48 8.61
N TYR C 157 11.52 24.13 8.30
CA TYR C 157 10.45 24.25 9.29
C TYR C 157 10.66 23.30 10.47
N LEU C 158 11.07 22.06 10.19
CA LEU C 158 11.30 21.10 11.27
C LEU C 158 12.48 21.52 12.14
N LEU C 159 13.49 22.14 11.54
CA LEU C 159 14.66 22.64 12.27
C LEU C 159 14.42 24.01 12.88
N SER C 160 13.18 24.51 12.82
CA SER C 160 12.77 25.70 13.53
C SER C 160 12.18 25.37 14.90
N SER C 161 12.04 24.08 15.21
CA SER C 161 11.56 23.66 16.52
C SER C 161 12.53 24.01 17.63
N ILE C 162 13.78 24.34 17.31
CA ILE C 162 14.76 24.74 18.32
C ILE C 162 14.32 26.04 18.99
N GLN C 163 13.47 26.83 18.31
CA GLN C 163 12.99 28.09 18.87
C GLN C 163 12.12 27.87 20.09
N TRP C 164 11.52 26.69 20.24
CA TRP C 164 10.69 26.41 21.42
C TRP C 164 11.52 26.17 22.67
N GLY C 165 12.77 25.74 22.52
CA GLY C 165 13.58 25.42 23.68
C GLY C 165 13.13 24.21 24.46
N ASP C 166 12.05 23.55 24.07
CA ASP C 166 11.50 22.39 24.75
C ASP C 166 12.50 21.25 24.74
N LEU C 167 13.01 20.86 25.92
CA LEU C 167 14.01 19.81 25.99
C LEU C 167 13.48 18.48 25.47
N ALA C 168 12.17 18.25 25.55
CA ALA C 168 11.59 17.00 25.04
C ALA C 168 11.46 17.05 23.52
N ASN C 169 11.16 18.21 22.96
CA ASN C 169 10.97 18.32 21.51
C ASN C 169 12.30 18.15 20.77
N ILE C 170 13.34 18.86 21.23
CA ILE C 170 14.66 18.75 20.60
C ILE C 170 15.34 17.42 20.88
N GLN C 171 14.80 16.62 21.80
CA GLN C 171 15.30 15.27 22.00
C GLN C 171 14.80 14.30 20.93
N ALA C 172 13.68 14.61 20.28
CA ALA C 172 13.16 13.81 19.19
C ALA C 172 13.44 14.42 17.82
N LEU C 173 14.43 15.31 17.74
CA LEU C 173 14.79 15.90 16.44
C LEU C 173 15.32 14.85 15.47
N PRO C 174 16.30 14.01 15.82
CA PRO C 174 16.74 12.99 14.86
C PRO C 174 15.68 11.97 14.51
N LYS C 175 14.67 11.81 15.36
CA LYS C 175 13.59 10.86 15.07
C LYS C 175 12.69 11.38 13.96
N ALA C 176 12.37 12.67 13.99
CA ALA C 176 11.54 13.29 12.97
C ALA C 176 12.35 13.77 11.77
N TRP C 177 13.65 13.97 11.94
CA TRP C 177 14.51 14.36 10.82
C TRP C 177 14.66 13.22 9.81
N ASP C 178 14.91 12.02 10.31
CA ASP C 178 14.96 10.85 9.44
C ASP C 178 13.61 10.52 8.82
N ARG C 179 12.52 11.06 9.38
CA ARG C 179 11.20 10.83 8.78
C ARG C 179 11.04 11.64 7.50
N ILE C 180 11.61 12.84 7.45
CA ILE C 180 11.52 13.66 6.23
C ILE C 180 12.18 12.94 5.06
N SER C 181 13.34 12.34 5.30
CA SER C 181 14.06 11.65 4.22
C SER C 181 13.28 10.43 3.72
N LYS C 182 12.93 9.53 4.63
CA LYS C 182 12.26 8.29 4.22
C LYS C 182 10.89 8.56 3.60
N ASP C 183 10.22 9.63 4.01
CA ASP C 183 8.92 9.97 3.46
C ASP C 183 9.02 10.58 2.07
N GLU C 184 10.15 11.17 1.73
CA GLU C 184 10.35 11.75 0.41
C GLU C 184 10.67 10.63 -0.58
N HIS C 185 11.10 11.01 -1.78
CA HIS C 185 11.51 10.05 -2.80
C HIS C 185 13.03 9.97 -2.73
N GLN C 186 13.53 9.12 -1.82
CA GLN C 186 14.98 9.00 -1.62
C GLN C 186 15.67 8.48 -2.88
N ASP C 187 15.07 7.49 -3.55
CA ASP C 187 15.65 6.94 -4.77
C ASP C 187 14.95 7.56 -5.98
N LEU C 188 15.23 8.84 -6.19
CA LEU C 188 14.62 9.57 -7.30
C LEU C 188 15.67 10.29 -8.13
N VAL C 189 16.51 11.10 -7.48
CA VAL C 189 17.55 11.81 -8.22
C VAL C 189 18.57 10.84 -8.78
N GLN C 190 18.91 9.80 -8.00
CA GLN C 190 19.84 8.78 -8.48
C GLN C 190 19.21 7.86 -9.51
N ASP C 191 17.88 7.75 -9.54
CA ASP C 191 17.19 6.91 -10.50
C ASP C 191 16.94 7.63 -11.82
N ILE C 192 16.67 8.94 -11.78
CA ILE C 192 16.53 9.71 -13.00
C ILE C 192 17.87 9.82 -13.72
N LEU C 193 18.95 10.03 -12.97
CA LEU C 193 20.30 10.07 -13.54
C LEU C 193 20.73 8.73 -14.11
N LEU C 194 20.01 7.65 -13.81
CA LEU C 194 20.34 6.35 -14.36
C LEU C 194 19.74 6.17 -15.75
N ASN C 195 18.50 6.61 -15.95
CA ASN C 195 17.88 6.48 -17.26
C ASN C 195 18.53 7.41 -18.28
N VAL C 196 19.10 8.52 -17.83
CA VAL C 196 19.78 9.46 -18.73
C VAL C 196 21.27 9.18 -18.85
N SER C 197 21.77 8.14 -18.19
CA SER C 197 23.21 7.84 -18.26
C SER C 197 23.64 7.47 -19.67
N PHE C 198 22.71 7.02 -20.52
CA PHE C 198 23.03 6.74 -21.92
C PHE C 198 22.94 7.98 -22.79
N PHE C 199 22.10 8.95 -22.41
CA PHE C 199 21.97 10.17 -23.20
C PHE C 199 23.14 11.12 -23.01
N LEU C 200 23.82 11.05 -21.86
CA LEU C 200 24.88 12.00 -21.58
C LEU C 200 26.13 11.70 -22.40
N GLU C 201 26.49 10.43 -22.52
CA GLU C 201 27.69 10.01 -23.23
C GLU C 201 27.46 9.85 -24.73
N GLU C 202 26.65 10.70 -25.34
CA GLU C 202 26.44 10.64 -26.79
C GLU C 202 27.26 11.70 -27.51
N VAL D 2 26.73 6.56 -10.54
CA VAL D 2 25.31 6.21 -10.49
C VAL D 2 25.13 4.77 -10.93
N SER D 3 25.88 4.34 -11.94
CA SER D 3 25.89 2.93 -12.31
C SER D 3 26.52 2.09 -11.20
N ALA D 4 27.44 2.67 -10.44
CA ALA D 4 28.06 1.95 -9.33
C ALA D 4 27.10 1.82 -8.16
N ARG D 5 26.33 2.87 -7.88
CA ARG D 5 25.32 2.79 -6.83
C ARG D 5 24.19 1.85 -7.21
N LYS D 6 23.85 1.80 -8.50
CA LYS D 6 22.80 0.88 -8.95
C LYS D 6 23.26 -0.56 -8.90
N ILE D 7 24.56 -0.81 -9.04
CA ILE D 7 25.08 -2.16 -8.87
C ILE D 7 24.94 -2.59 -7.41
N LYS D 8 25.28 -1.70 -6.48
CA LYS D 8 25.06 -1.99 -5.06
C LYS D 8 23.58 -2.09 -4.74
N ASP D 9 22.75 -1.25 -5.37
CA ASP D 9 21.32 -1.29 -5.13
C ASP D 9 20.70 -2.58 -5.65
N ASN D 10 21.09 -3.01 -6.85
CA ASN D 10 20.62 -4.28 -7.38
C ASN D 10 21.09 -5.44 -6.52
N ALA D 11 22.34 -5.37 -6.04
CA ALA D 11 22.86 -6.43 -5.17
C ALA D 11 22.02 -6.58 -3.91
N ALA D 12 21.49 -5.47 -3.39
CA ALA D 12 20.62 -5.53 -2.22
C ALA D 12 19.26 -6.13 -2.58
N ASP D 13 18.69 -5.68 -3.71
CA ASP D 13 17.39 -6.19 -4.13
C ASP D 13 17.46 -7.67 -4.47
N TRP D 14 18.61 -8.16 -4.93
CA TRP D 14 18.75 -9.59 -5.19
C TRP D 14 18.59 -10.40 -3.92
N HIS D 15 19.10 -9.89 -2.80
CA HIS D 15 18.95 -10.62 -1.53
C HIS D 15 17.50 -10.58 -1.06
N ASN D 16 16.84 -9.42 -1.18
CA ASN D 16 15.46 -9.30 -0.72
C ASN D 16 14.53 -10.18 -1.53
N LEU D 17 14.73 -10.25 -2.85
CA LEU D 17 13.86 -11.06 -3.70
C LEU D 17 14.04 -12.55 -3.43
N ILE D 18 15.26 -12.97 -3.07
CA ILE D 18 15.47 -14.37 -2.72
C ILE D 18 14.69 -14.73 -1.47
N LEU D 19 14.68 -13.84 -0.48
CA LEU D 19 13.92 -14.09 0.73
C LEU D 19 12.42 -14.10 0.45
N LYS D 20 11.95 -13.23 -0.46
CA LYS D 20 10.55 -13.23 -0.83
C LYS D 20 10.18 -14.51 -1.59
N TRP D 21 11.12 -15.08 -2.35
CA TRP D 21 10.83 -16.32 -3.07
C TRP D 21 10.67 -17.49 -2.11
N GLU D 22 11.60 -17.65 -1.17
CA GLU D 22 11.53 -18.76 -0.24
C GLU D 22 10.37 -18.61 0.73
N THR D 23 9.95 -17.37 1.03
CA THR D 23 8.82 -17.17 1.92
C THR D 23 7.51 -17.53 1.23
N LEU D 24 7.31 -17.05 0.00
CA LEU D 24 6.13 -17.43 -0.76
C LEU D 24 6.13 -18.93 -1.06
N ASN D 25 7.31 -19.52 -1.22
CA ASN D 25 7.39 -20.97 -1.44
C ASN D 25 6.93 -21.75 -0.23
N ASP D 26 7.13 -21.20 0.98
CA ASP D 26 6.66 -21.87 2.18
C ASP D 26 5.14 -21.88 2.25
N ALA D 27 4.52 -20.73 1.99
CA ALA D 27 3.06 -20.67 1.94
C ALA D 27 2.51 -21.54 0.80
N GLY D 28 3.24 -21.62 -0.31
CA GLY D 28 2.81 -22.50 -1.39
C GLY D 28 2.92 -23.97 -1.04
N PHE D 29 3.94 -24.34 -0.26
CA PHE D 29 4.08 -25.73 0.16
C PHE D 29 2.96 -26.13 1.11
N THR D 30 2.46 -25.20 1.92
CA THR D 30 1.31 -25.50 2.77
C THR D 30 0.07 -25.75 1.92
N THR D 31 -0.17 -24.92 0.91
CA THR D 31 -1.28 -25.14 0.00
C THR D 31 -1.14 -26.44 -0.75
N ALA D 32 0.07 -26.74 -1.24
CA ALA D 32 0.29 -27.97 -2.00
C ALA D 32 0.13 -29.20 -1.11
N ASN D 33 0.60 -29.11 0.14
CA ASN D 33 0.42 -30.23 1.07
C ASN D 33 -1.06 -30.46 1.37
N ASN D 34 -1.84 -29.37 1.47
CA ASN D 34 -3.28 -29.51 1.61
C ASN D 34 -3.91 -30.12 0.38
N ILE D 35 -3.36 -29.83 -0.81
CA ILE D 35 -3.85 -30.47 -2.02
C ILE D 35 -3.57 -31.97 -1.97
N ALA D 36 -2.37 -32.35 -1.53
CA ALA D 36 -2.03 -33.77 -1.40
C ALA D 36 -2.95 -34.45 -0.39
N ASN D 37 -3.20 -33.81 0.75
CA ASN D 37 -4.11 -34.37 1.73
C ASN D 37 -5.54 -34.43 1.19
N LEU D 38 -5.88 -33.55 0.26
CA LEU D 38 -7.20 -33.61 -0.36
C LEU D 38 -7.31 -34.78 -1.32
N LYS D 39 -6.23 -35.06 -2.05
CA LYS D 39 -6.21 -36.25 -2.92
C LYS D 39 -6.22 -37.53 -2.10
N ILE D 40 -5.52 -37.54 -0.97
CA ILE D 40 -5.47 -38.74 -0.14
C ILE D 40 -6.80 -38.95 0.58
N SER D 41 -7.41 -37.86 1.06
CA SER D 41 -8.70 -37.97 1.73
C SER D 41 -9.79 -38.43 0.78
N LEU D 42 -9.71 -38.04 -0.50
CA LEU D 42 -10.69 -38.51 -1.47
C LEU D 42 -10.50 -39.99 -1.78
N LEU D 43 -9.25 -40.45 -1.88
CA LEU D 43 -9.00 -41.87 -2.06
C LEU D 43 -9.45 -42.66 -0.84
N ASN D 44 -9.21 -42.12 0.36
CA ASN D 44 -9.69 -42.78 1.57
C ASN D 44 -11.20 -42.84 1.60
N LYS D 45 -11.87 -41.79 1.14
CA LYS D 45 -13.32 -41.81 1.07
C LYS D 45 -13.82 -42.77 -0.01
N ASP D 46 -13.05 -42.95 -1.08
CA ASP D 46 -13.45 -43.91 -2.11
C ASP D 46 -13.45 -45.33 -1.56
N LYS D 47 -12.52 -45.65 -0.66
CA LYS D 47 -12.56 -46.96 0.00
C LYS D 47 -13.72 -47.06 0.97
N ILE D 48 -14.08 -45.95 1.62
CA ILE D 48 -15.23 -45.97 2.53
C ILE D 48 -16.52 -46.14 1.74
N GLU D 49 -16.59 -45.60 0.52
CA GLU D 49 -17.76 -45.81 -0.31
C GLU D 49 -17.88 -47.26 -0.76
N LEU D 50 -16.73 -47.92 -0.97
CA LEU D 50 -16.73 -49.34 -1.31
C LEU D 50 -16.98 -50.23 -0.11
N ASP D 51 -16.74 -49.74 1.11
CA ASP D 51 -17.05 -50.53 2.30
C ASP D 51 -18.53 -50.41 2.66
N SER D 52 -18.98 -49.18 2.91
CA SER D 52 -20.40 -48.91 3.18
C SER D 52 -21.15 -48.71 1.87
N SER D 53 -21.10 -49.75 1.03
CA SER D 53 -21.69 -49.73 -0.30
C SER D 53 -23.22 -49.76 -0.30
N SER D 54 -23.84 -49.25 0.75
CA SER D 54 -25.29 -49.10 0.79
C SER D 54 -25.70 -48.05 -0.24
N PRO D 55 -27.00 -47.96 -0.58
CA PRO D 55 -27.44 -46.90 -1.48
C PRO D 55 -27.50 -45.53 -0.81
N ALA D 56 -26.42 -45.16 -0.13
CA ALA D 56 -26.25 -43.84 0.46
C ALA D 56 -24.83 -43.33 0.32
N SER D 57 -23.87 -44.18 -0.05
CA SER D 57 -22.52 -43.74 -0.34
C SER D 57 -22.36 -43.30 -1.79
N LYS D 58 -23.21 -43.80 -2.70
CA LYS D 58 -23.21 -43.31 -4.07
C LYS D 58 -23.80 -41.91 -4.15
N GLU D 59 -24.63 -41.53 -3.17
CA GLU D 59 -25.09 -40.16 -3.03
C GLU D 59 -24.03 -39.30 -2.36
N ASN D 60 -23.38 -39.84 -1.33
CA ASN D 60 -22.29 -39.13 -0.68
C ASN D 60 -21.07 -39.05 -1.57
N GLU D 61 -21.00 -39.84 -2.64
CA GLU D 61 -19.95 -39.66 -3.63
C GLU D 61 -20.11 -38.31 -4.32
N GLU D 62 -21.36 -37.92 -4.57
CA GLU D 62 -21.64 -36.62 -5.18
C GLU D 62 -21.41 -35.49 -4.19
N LYS D 63 -21.75 -35.72 -2.91
CA LYS D 63 -21.53 -34.70 -1.90
C LYS D 63 -20.04 -34.48 -1.66
N VAL D 64 -19.26 -35.55 -1.58
CA VAL D 64 -17.83 -35.42 -1.33
C VAL D 64 -17.12 -34.88 -2.56
N CYS D 65 -17.57 -35.29 -3.75
CA CYS D 65 -16.93 -34.81 -4.98
C CYS D 65 -17.16 -33.31 -5.18
N LEU D 66 -18.29 -32.78 -4.71
CA LEU D 66 -18.52 -31.34 -4.81
C LEU D 66 -17.69 -30.58 -3.79
N GLU D 67 -17.59 -31.08 -2.55
CA GLU D 67 -16.72 -30.46 -1.57
C GLU D 67 -15.26 -30.58 -2.00
N TYR D 68 -14.90 -31.70 -2.64
CA TYR D 68 -13.56 -31.85 -3.19
C TYR D 68 -13.30 -30.85 -4.32
N ASN D 69 -14.28 -30.65 -5.20
CA ASN D 69 -14.08 -29.70 -6.29
C ASN D 69 -13.96 -28.28 -5.78
N GLU D 70 -14.88 -27.85 -4.92
CA GLU D 70 -14.84 -26.48 -4.43
C GLU D 70 -13.55 -26.19 -3.67
N GLU D 71 -13.06 -27.16 -2.89
CA GLU D 71 -11.79 -26.97 -2.20
C GLU D 71 -10.60 -27.11 -3.14
N LEU D 72 -10.70 -27.97 -4.17
CA LEU D 72 -9.61 -28.12 -5.11
C LEU D 72 -9.41 -26.86 -5.94
N GLU D 73 -10.50 -26.29 -6.46
CA GLU D 73 -10.39 -25.05 -7.21
C GLU D 73 -9.95 -23.90 -6.31
N LYS D 74 -10.36 -23.92 -5.04
CA LYS D 74 -9.89 -22.90 -4.10
C LYS D 74 -8.40 -23.03 -3.85
N LEU D 75 -7.91 -24.27 -3.73
CA LEU D 75 -6.48 -24.48 -3.52
C LEU D 75 -5.70 -24.26 -4.81
N CYS D 76 -6.32 -24.49 -5.97
CA CYS D 76 -5.68 -24.19 -7.24
C CYS D 76 -5.55 -22.68 -7.43
N GLU D 77 -6.56 -21.92 -7.03
CA GLU D 77 -6.46 -20.47 -7.07
C GLU D 77 -5.49 -19.95 -6.02
N GLU D 78 -5.43 -20.62 -4.86
CA GLU D 78 -4.47 -20.23 -3.84
C GLU D 78 -3.05 -20.53 -4.29
N LEU D 79 -2.85 -21.68 -4.94
CA LEU D 79 -1.54 -22.03 -5.46
C LEU D 79 -1.16 -21.17 -6.65
N GLN D 80 -2.14 -20.84 -7.50
CA GLN D 80 -1.88 -19.92 -8.61
C GLN D 80 -1.52 -18.53 -8.10
N ALA D 81 -2.09 -18.12 -6.96
CA ALA D 81 -1.70 -16.87 -6.35
C ALA D 81 -0.26 -16.93 -5.86
N THR D 82 0.20 -18.11 -5.44
CA THR D 82 1.61 -18.27 -5.08
C THR D 82 2.49 -18.25 -6.33
N LEU D 83 2.00 -18.83 -7.42
CA LEU D 83 2.73 -18.76 -8.68
C LEU D 83 2.86 -17.32 -9.15
N ASP D 84 1.76 -16.56 -9.10
CA ASP D 84 1.81 -15.16 -9.49
C ASP D 84 2.75 -14.37 -8.59
N GLY D 85 2.77 -14.69 -7.30
CA GLY D 85 3.70 -14.03 -6.40
C GLY D 85 5.15 -14.29 -6.75
N LEU D 86 5.47 -15.56 -7.05
CA LEU D 86 6.82 -15.89 -7.48
C LEU D 86 7.13 -15.31 -8.86
N THR D 87 6.10 -15.13 -9.69
CA THR D 87 6.31 -14.54 -11.01
C THR D 87 6.65 -13.06 -10.90
N LYS D 88 5.99 -12.34 -9.99
CA LYS D 88 6.34 -10.94 -9.75
C LYS D 88 7.78 -10.81 -9.27
N ILE D 89 8.23 -11.78 -8.46
CA ILE D 89 9.63 -11.81 -8.05
C ILE D 89 10.52 -12.05 -9.26
N GLN D 90 10.14 -13.01 -10.11
CA GLN D 90 10.93 -13.32 -11.31
C GLN D 90 10.96 -12.16 -12.28
N VAL D 91 9.87 -11.39 -12.37
CA VAL D 91 9.85 -10.19 -13.20
C VAL D 91 10.84 -9.16 -12.64
N LYS D 92 10.82 -8.97 -11.32
CA LYS D 92 11.79 -8.07 -10.70
C LYS D 92 13.22 -8.59 -10.82
N GLU D 94 14.39 -10.53 -13.47
CA GLU D 94 14.76 -10.17 -14.83
C GLU D 94 15.03 -8.68 -14.95
N LYS D 95 14.30 -7.85 -14.18
CA LYS D 95 14.54 -6.42 -14.20
C LYS D 95 15.84 -6.06 -13.49
N LEU D 96 16.28 -6.89 -12.53
CA LEU D 96 17.56 -6.62 -11.89
C LEU D 96 18.72 -7.07 -12.77
N SER D 97 18.54 -8.13 -13.55
CA SER D 97 19.60 -8.60 -14.44
C SER D 97 19.66 -7.76 -15.71
N SER D 98 18.53 -7.22 -16.17
CA SER D 98 18.54 -6.34 -17.33
C SER D 98 19.00 -4.94 -16.98
N THR D 99 18.73 -4.47 -15.77
CA THR D 99 19.24 -3.18 -15.33
C THR D 99 20.76 -3.20 -15.22
N THR D 100 21.30 -4.23 -14.57
CA THR D 100 22.74 -4.43 -14.58
C THR D 100 23.26 -4.61 -16.00
N LYS D 101 22.51 -5.34 -16.83
CA LYS D 101 22.93 -5.62 -18.21
C LYS D 101 23.25 -4.36 -19.00
N GLY D 102 22.56 -3.26 -18.72
CA GLY D 102 22.86 -2.02 -19.42
C GLY D 102 24.09 -1.29 -18.91
N ILE D 103 24.46 -1.52 -17.64
CA ILE D 103 25.53 -0.75 -17.01
C ILE D 103 26.87 -0.98 -17.70
N CYS D 104 27.27 -2.25 -17.86
CA CYS D 104 28.54 -2.53 -18.50
C CYS D 104 28.49 -2.29 -20.01
N GLU D 105 27.30 -2.34 -20.62
CA GLU D 105 27.21 -2.08 -22.05
C GLU D 105 27.70 -0.67 -22.39
N LEU D 106 27.37 0.30 -21.55
CA LEU D 106 27.89 1.65 -21.73
C LEU D 106 29.13 1.93 -20.91
N GLU D 107 29.51 1.03 -20.00
CA GLU D 107 30.73 1.25 -19.22
C GLU D 107 31.97 0.91 -20.03
N ASN D 108 31.94 -0.19 -20.78
CA ASN D 108 33.06 -0.50 -21.66
C ASN D 108 33.11 0.44 -22.86
N TYR D 109 31.97 1.07 -23.21
CA TYR D 109 31.89 1.98 -24.34
C TYR D 109 32.35 3.38 -24.00
N HIS D 110 32.16 3.83 -22.75
CA HIS D 110 32.53 5.19 -22.38
C HIS D 110 34.03 5.44 -22.59
N TYR D 111 34.84 4.40 -22.49
CA TYR D 111 36.29 4.50 -22.66
C TYR D 111 36.75 3.74 -23.90
N GLY D 112 36.14 4.05 -25.05
CA GLY D 112 36.53 3.40 -26.29
C GLY D 112 36.19 1.92 -26.27
N GLU D 113 37.13 1.10 -26.76
CA GLU D 113 36.96 -0.36 -26.75
C GLU D 113 38.19 -0.99 -26.13
N GLU D 114 38.06 -1.38 -24.86
CA GLU D 114 39.13 -1.99 -24.08
C GLU D 114 40.39 -1.12 -24.03
N SER D 115 40.39 -0.12 -23.16
CA SER D 115 41.57 0.70 -22.89
C SER D 115 42.10 0.46 -21.50
N LYS D 116 41.22 0.49 -20.49
CA LYS D 116 41.51 0.10 -19.12
C LYS D 116 40.17 -0.02 -18.41
N ARG D 117 40.07 -0.99 -17.48
CA ARG D 117 38.81 -1.21 -16.80
C ARG D 117 38.85 -0.63 -15.40
N PRO D 118 38.11 0.43 -15.10
CA PRO D 118 38.04 0.94 -13.73
C PRO D 118 37.23 0.01 -12.84
N PRO D 119 37.76 -0.37 -11.68
CA PRO D 119 36.97 -1.20 -10.75
C PRO D 119 35.81 -0.40 -10.18
N LEU D 120 34.61 -0.97 -10.24
CA LEU D 120 33.45 -0.28 -9.68
C LEU D 120 33.54 -0.17 -8.16
N PHE D 121 34.12 -1.19 -7.51
CA PHE D 121 34.33 -1.16 -6.06
C PHE D 121 35.84 -1.31 -5.85
N HIS D 122 36.28 -2.35 -5.15
CA HIS D 122 37.70 -2.56 -4.93
C HIS D 122 38.33 -3.52 -5.93
N THR D 123 37.60 -4.54 -6.39
CA THR D 123 38.19 -5.55 -7.26
C THR D 123 37.28 -5.98 -8.40
N TRP D 124 36.05 -6.34 -8.09
CA TRP D 124 35.13 -6.91 -9.08
C TRP D 124 34.89 -5.98 -10.25
N PRO D 125 35.25 -6.36 -11.48
CA PRO D 125 34.85 -5.59 -12.66
C PRO D 125 33.34 -5.66 -12.86
N THR D 126 32.85 -4.77 -13.71
CA THR D 126 31.41 -4.72 -13.97
C THR D 126 30.91 -6.00 -14.64
N THR D 127 31.79 -6.68 -15.39
CA THR D 127 31.38 -7.90 -16.08
C THR D 127 31.06 -9.03 -15.10
N HIS D 128 31.78 -9.10 -13.98
CA HIS D 128 31.55 -10.18 -13.02
C HIS D 128 30.17 -10.08 -12.38
N PHE D 129 29.62 -8.86 -12.28
CA PHE D 129 28.27 -8.71 -11.77
C PHE D 129 27.23 -9.32 -12.71
N TYR D 130 27.58 -9.50 -13.98
CA TYR D 130 26.67 -10.15 -14.92
C TYR D 130 26.64 -11.66 -14.70
N GLU D 131 27.81 -12.26 -14.51
CA GLU D 131 27.88 -13.71 -14.34
C GLU D 131 27.09 -14.16 -13.11
N VAL D 132 26.93 -13.29 -12.12
CA VAL D 132 26.10 -13.60 -10.97
C VAL D 132 24.62 -13.27 -11.23
N SER D 133 24.35 -12.11 -11.84
CA SER D 133 22.97 -11.74 -12.12
C SER D 133 22.31 -12.66 -13.15
N HIS D 134 23.09 -13.17 -14.10
CA HIS D 134 22.54 -14.05 -15.12
C HIS D 134 22.33 -15.47 -14.59
N LYS D 135 23.30 -15.98 -13.83
CA LYS D 135 23.14 -17.32 -13.25
C LYS D 135 22.00 -17.34 -12.23
N LEU D 136 21.93 -16.34 -11.36
CA LEU D 136 20.83 -16.25 -10.42
C LEU D 136 19.49 -16.13 -11.13
N LEU D 137 19.45 -15.36 -12.22
CA LEU D 137 18.20 -15.22 -12.96
C LEU D 137 17.80 -16.52 -13.63
N GLU D 138 18.75 -17.16 -14.33
CA GLU D 138 18.44 -18.41 -15.03
C GLU D 138 18.01 -19.51 -14.07
N TYR D 140 16.22 -19.14 -11.24
CA TYR D 140 14.84 -18.92 -10.87
C TYR D 140 13.89 -18.92 -12.06
N ARG D 141 14.40 -18.66 -13.26
CA ARG D 141 13.57 -18.84 -14.46
C ARG D 141 13.23 -20.31 -14.67
N LYS D 142 14.21 -21.19 -14.48
CA LYS D 142 13.94 -22.63 -14.54
C LYS D 142 13.06 -23.06 -13.38
N GLU D 143 13.35 -22.55 -12.17
CA GLU D 143 12.58 -22.95 -11.00
C GLU D 143 11.11 -22.53 -11.12
N LEU D 144 10.87 -21.31 -11.61
CA LEU D 144 9.49 -20.85 -11.79
C LEU D 144 8.74 -21.73 -12.78
N LEU D 145 9.37 -22.03 -13.92
CA LEU D 145 8.72 -22.86 -14.93
C LEU D 145 8.45 -24.26 -14.41
N LEU D 146 9.32 -24.79 -13.55
CA LEU D 146 9.08 -26.09 -12.95
C LEU D 146 7.92 -26.04 -11.96
N LYS D 147 7.91 -25.03 -11.09
CA LYS D 147 6.82 -24.90 -10.11
C LYS D 147 5.47 -24.75 -10.78
N ARG D 148 5.41 -24.13 -11.96
CA ARG D 148 4.17 -24.07 -12.71
C ARG D 148 3.73 -25.46 -13.14
N THR D 149 4.67 -26.27 -13.64
CA THR D 149 4.33 -27.62 -14.08
C THR D 149 3.89 -28.49 -12.92
N VAL D 150 4.54 -28.35 -11.77
CA VAL D 150 4.16 -29.14 -10.60
C VAL D 150 2.78 -28.76 -10.12
N ALA D 151 2.43 -27.47 -10.19
CA ALA D 151 1.11 -27.03 -9.74
C ALA D 151 0.01 -27.62 -10.61
N LYS D 152 0.23 -27.68 -11.92
CA LYS D 152 -0.79 -28.22 -12.82
C LYS D 152 -0.96 -29.73 -12.65
N GLU D 153 0.14 -30.46 -12.55
CA GLU D 153 0.08 -31.92 -12.54
C GLU D 153 -0.25 -32.50 -11.17
N LEU D 154 -0.06 -31.73 -10.09
CA LEU D 154 -0.34 -32.25 -8.76
C LEU D 154 -1.83 -32.55 -8.58
N ALA D 155 -2.69 -31.66 -9.05
CA ALA D 155 -4.13 -31.89 -8.93
C ALA D 155 -4.59 -33.02 -9.83
N HIS D 156 -3.93 -33.23 -10.98
CA HIS D 156 -4.37 -34.25 -11.92
C HIS D 156 -3.92 -35.64 -11.52
N THR D 157 -2.76 -35.77 -10.88
CA THR D 157 -2.20 -37.08 -10.58
C THR D 157 -2.96 -37.74 -9.43
N GLY D 158 -2.76 -39.05 -9.29
CA GLY D 158 -3.29 -39.80 -8.17
C GLY D 158 -2.29 -40.79 -7.62
N ASP D 159 -1.13 -40.90 -8.26
CA ASP D 159 -0.10 -41.84 -7.83
C ASP D 159 0.56 -41.34 -6.55
N PRO D 160 0.66 -42.17 -5.52
CA PRO D 160 1.30 -41.71 -4.27
C PRO D 160 2.76 -41.34 -4.44
N ASP D 161 3.56 -42.20 -5.07
CA ASP D 161 4.98 -41.91 -5.25
C ASP D 161 5.20 -40.68 -6.12
N LEU D 162 4.28 -40.40 -7.04
CA LEU D 162 4.40 -39.18 -7.85
C LEU D 162 3.99 -37.95 -7.06
N THR D 163 2.99 -38.07 -6.18
CA THR D 163 2.59 -36.95 -5.34
C THR D 163 3.69 -36.56 -4.38
N LEU D 164 4.36 -37.54 -3.76
CA LEU D 164 5.46 -37.25 -2.86
C LEU D 164 6.59 -36.54 -3.58
N SER D 165 6.95 -37.02 -4.78
CA SER D 165 8.00 -36.37 -5.55
C SER D 165 7.58 -34.98 -6.02
N TYR D 166 6.29 -34.76 -6.25
CA TYR D 166 5.82 -33.42 -6.60
C TYR D 166 6.04 -32.46 -5.43
N LEU D 167 5.65 -32.88 -4.22
CA LEU D 167 5.87 -32.05 -3.05
C LEU D 167 7.35 -31.90 -2.74
N SER D 168 8.16 -32.91 -3.09
CA SER D 168 9.58 -32.87 -2.80
C SER D 168 10.28 -31.76 -3.58
N TRP D 170 8.96 -29.11 -4.69
CA TRP D 170 8.48 -27.80 -4.27
C TRP D 170 9.11 -27.36 -2.96
N LEU D 171 9.34 -28.29 -2.03
CA LEU D 171 9.90 -27.91 -0.74
C LEU D 171 11.33 -27.41 -0.93
N HIS D 172 12.26 -28.32 -1.22
CA HIS D 172 13.62 -27.94 -1.54
C HIS D 172 13.68 -27.70 -3.05
N GLN D 173 13.96 -26.48 -3.45
CA GLN D 173 13.91 -26.12 -4.87
C GLN D 173 15.16 -26.61 -5.58
N PRO D 174 15.03 -27.36 -6.68
CA PRO D 174 16.21 -27.99 -7.29
C PRO D 174 17.08 -27.09 -8.15
N TYR D 175 16.48 -26.31 -9.05
CA TYR D 175 17.29 -25.56 -10.01
C TYR D 175 18.17 -24.51 -9.33
N VAL D 176 17.75 -23.98 -8.19
CA VAL D 176 18.59 -23.07 -7.41
C VAL D 176 19.68 -23.88 -6.74
N GLU D 177 20.89 -23.85 -7.30
CA GLU D 177 21.99 -24.62 -6.75
C GLU D 177 22.30 -24.19 -5.32
N SER D 178 22.89 -25.11 -4.56
CA SER D 178 23.20 -24.83 -3.16
C SER D 178 24.24 -23.72 -3.03
N ASP D 179 25.10 -23.55 -4.04
CA ASP D 179 26.13 -22.52 -4.02
C ASP D 179 25.59 -21.13 -4.33
N SER D 180 24.27 -20.99 -4.54
CA SER D 180 23.70 -19.67 -4.83
C SER D 180 23.82 -18.74 -3.62
N ARG D 181 23.76 -19.28 -2.41
CA ARG D 181 23.91 -18.44 -1.23
C ARG D 181 25.34 -17.93 -1.09
N LEU D 182 26.32 -18.69 -1.58
CA LEU D 182 27.71 -18.25 -1.52
C LEU D 182 28.00 -17.19 -2.57
N HIS D 183 27.47 -17.36 -3.79
CA HIS D 183 27.65 -16.36 -4.83
C HIS D 183 27.01 -15.03 -4.43
N LEU D 184 25.90 -15.07 -3.69
CA LEU D 184 25.30 -13.84 -3.20
C LEU D 184 26.20 -13.15 -2.18
N GLU D 185 26.84 -13.92 -1.31
CA GLU D 185 27.75 -13.33 -0.32
C GLU D 185 29.00 -12.78 -0.98
N SER D 186 29.47 -13.43 -2.05
CA SER D 186 30.62 -12.93 -2.78
C SER D 186 30.35 -11.59 -3.45
N LEU D 188 27.68 -9.38 -2.17
CA LEU D 188 27.31 -8.46 -1.10
C LEU D 188 28.52 -7.97 -0.33
N LEU D 189 29.53 -8.84 -0.14
CA LEU D 189 30.78 -8.40 0.48
C LEU D 189 31.54 -7.44 -0.43
N GLU D 190 31.34 -7.55 -1.74
CA GLU D 190 32.04 -6.68 -2.68
C GLU D 190 31.40 -5.30 -2.72
N THR D 191 30.08 -5.25 -2.87
CA THR D 191 29.38 -3.97 -2.99
C THR D 191 29.37 -3.17 -1.69
N GLY D 192 29.69 -3.77 -0.56
CA GLY D 192 29.73 -3.07 0.71
C GLY D 192 28.56 -3.32 1.62
N HIS D 193 27.64 -4.20 1.24
CA HIS D 193 26.49 -4.51 2.10
C HIS D 193 26.91 -5.33 3.32
N ARG D 194 27.60 -6.44 3.09
CA ARG D 194 28.03 -7.28 4.19
C ARG D 194 29.13 -6.59 5.00
N ALA D 195 29.01 -6.69 6.32
CA ALA D 195 29.95 -6.01 7.21
C ALA D 195 31.37 -6.53 7.03
N LEU D 196 32.31 -5.61 6.91
CA LEU D 196 33.71 -5.93 6.72
C LEU D 196 34.28 -6.63 7.96
#